data_8P0M
#
_entry.id   8P0M
#
_cell.length_a   65.503
_cell.length_b   127.236
_cell.length_c   155.536
_cell.angle_alpha   90
_cell.angle_beta   90
_cell.angle_gamma   90
#
_symmetry.space_group_name_H-M   'P 21 21 21'
#
loop_
_entity.id
_entity.type
_entity.pdbx_description
1 polymer 'Transcriptional enhancer factor TEF-5'
2 polymer 'Transcriptional enhancer factor TEF-5'
3 non-polymer 2-(2-{2-[2-(2-METHOXY-ETHOXY)-ETHOXY]-ETHOXY}-ETHOXY)-ETHANOL
4 non-polymer 'MYRISTIC ACID'
5 non-polymer 4-[(2~{S})-5-chloranyl-6-fluoranyl-2-phenyl-2-[(2~{S})-pyrrolidin-2-yl]-3~{H}-1-benzofuran-4-yl]-5-fluoranyl-6-(2-hydroxyethyloxy)-~{N}-methyl-pyridine-3-carboxamide
6 non-polymer 'DIMETHYL SULFOXIDE'
7 water water
#
loop_
_entity_poly.entity_id
_entity_poly.type
_entity_poly.pdbx_seq_one_letter_code
_entity_poly.pdbx_strand_id
1 'polypeptide(L)'
;GPGRTIASSRLRLLEYSAFMEVQRDPDTYSKHLFVHIGQTNPAFSDPPLEAVDVRQIYDKFPEKKGGLKELYEKGPPNAF
FLVKFWADLNSTIQEGPGAFYGVSSQYSSADSMTISVSTKVCSFGKQVVEKVETEYARLENGRFVYRIHRSPMCEYMINF
IHKLKHLPEKYMMNSVLENFTILQVVTSRDSQETLLVIAFVFEVSTSEHGAQHHVYKLVKDG
;
A,B
2 'polypeptide(L)'
;GPGRTIASSRLRLLEYSAFMEVQRDPDTYSKHLFVHIGQTNPAFSDPPLEAVDVRQIYDKFPEKKGGLKELYEKGPPNAF
FLVKFWADLNSTIQEGPGAFYGVSSQYSSADSMTISVSTKVCSFGKQVVE(MYK)VETEYARLENGRFVYRIHRSPMCEY
MINFIHKLKHLPEKYMMNSVLENFTILQVVTSRDSQETLLVIAFVFEVSTSEHGAQHHVYKLVKDG
;
C,D
#
# COMPACT_ATOMS: atom_id res chain seq x y z
N ARG A 4 -39.57 0.65 7.26
CA ARG A 4 -38.98 -0.65 7.62
C ARG A 4 -37.47 -0.68 7.39
N THR A 5 -36.75 -1.53 8.15
CA THR A 5 -35.29 -1.59 8.16
C THR A 5 -34.65 -2.39 7.03
N ILE A 6 -33.68 -1.75 6.34
CA ILE A 6 -32.90 -2.39 5.30
C ILE A 6 -31.51 -2.66 5.86
N ALA A 7 -31.27 -3.91 6.21
CA ALA A 7 -30.01 -4.31 6.78
C ALA A 7 -29.74 -5.77 6.48
N SER A 8 -28.52 -6.06 6.07
CA SER A 8 -28.07 -7.43 5.93
C SER A 8 -27.40 -7.80 7.28
N SER A 9 -26.73 -8.95 7.40
CA SER A 9 -25.98 -9.27 8.63
C SER A 9 -24.66 -8.47 8.70
N ARG A 10 -24.26 -7.76 7.62
CA ARG A 10 -22.99 -7.03 7.59
C ARG A 10 -23.11 -5.52 7.39
N LEU A 11 -24.25 -5.04 6.89
CA LEU A 11 -24.39 -3.60 6.61
C LEU A 11 -25.83 -3.15 6.77
N ARG A 12 -26.01 -1.98 7.33
CA ARG A 12 -27.32 -1.38 7.52
C ARG A 12 -27.42 -0.06 6.72
N LEU A 13 -28.51 0.12 5.97
CA LEU A 13 -28.75 1.37 5.26
C LEU A 13 -29.45 2.25 6.30
N LEU A 14 -28.84 3.38 6.66
CA LEU A 14 -29.45 4.29 7.63
C LEU A 14 -30.37 5.31 6.94
N GLU A 15 -29.94 5.81 5.80
CA GLU A 15 -30.66 6.86 5.09
C GLU A 15 -30.34 6.86 3.62
N TYR A 16 -31.30 7.30 2.80
CA TYR A 16 -31.10 7.44 1.37
C TYR A 16 -32.03 8.55 0.89
N SER A 17 -31.51 9.56 0.20
CA SER A 17 -32.35 10.64 -0.33
C SER A 17 -31.81 11.16 -1.63
N ALA A 18 -32.71 11.42 -2.58
CA ALA A 18 -32.35 12.01 -3.86
C ALA A 18 -33.14 13.31 -3.89
N PHE A 19 -32.48 14.41 -4.29
CA PHE A 19 -33.08 15.72 -4.18
C PHE A 19 -32.52 16.74 -5.16
N MET A 20 -33.15 17.92 -5.18
CA MET A 20 -32.62 19.05 -5.90
C MET A 20 -32.60 20.24 -4.94
N GLU A 21 -31.55 21.02 -5.00
CA GLU A 21 -31.39 22.22 -4.18
C GLU A 21 -31.20 23.41 -5.09
N VAL A 22 -31.86 24.52 -4.76
CA VAL A 22 -31.73 25.75 -5.53
C VAL A 22 -31.33 26.85 -4.55
N GLN A 23 -30.23 27.54 -4.83
CA GLN A 23 -29.81 28.69 -4.05
C GLN A 23 -30.00 29.87 -5.02
N ARG A 24 -31.23 30.42 -5.07
CA ARG A 24 -31.60 31.52 -5.96
C ARG A 24 -30.76 32.77 -5.77
N ASP A 25 -30.28 32.99 -4.53
CA ASP A 25 -29.43 34.11 -4.15
C ASP A 25 -28.73 33.79 -2.80
N PRO A 26 -27.80 34.62 -2.29
CA PRO A 26 -27.13 34.26 -1.01
C PRO A 26 -28.04 34.09 0.20
N ASP A 27 -29.28 34.62 0.15
CA ASP A 27 -30.21 34.49 1.28
C ASP A 27 -31.36 33.54 1.05
N THR A 28 -31.45 32.91 -0.12
CA THR A 28 -32.59 32.10 -0.47
C THR A 28 -32.19 30.68 -0.83
N TYR A 29 -32.75 29.71 -0.12
CA TYR A 29 -32.43 28.31 -0.30
C TYR A 29 -33.70 27.49 -0.42
N SER A 30 -33.75 26.53 -1.34
CA SER A 30 -34.90 25.62 -1.44
C SER A 30 -34.40 24.21 -1.73
N LYS A 31 -35.06 23.22 -1.17
CA LYS A 31 -34.74 21.83 -1.40
C LYS A 31 -36.01 21.06 -1.72
N HIS A 32 -35.97 20.23 -2.76
CA HIS A 32 -37.08 19.37 -3.10
C HIS A 32 -36.59 17.92 -3.05
N LEU A 33 -37.22 17.09 -2.24
CA LEU A 33 -36.88 15.67 -2.17
C LEU A 33 -37.69 14.89 -3.22
N PHE A 34 -37.01 14.12 -4.07
CA PHE A 34 -37.70 13.26 -5.04
C PHE A 34 -38.09 11.98 -4.29
N VAL A 35 -37.15 11.36 -3.57
CA VAL A 35 -37.36 10.13 -2.80
C VAL A 35 -36.56 10.24 -1.49
N HIS A 36 -37.01 9.56 -0.45
CA HIS A 36 -36.35 9.63 0.87
C HIS A 36 -36.68 8.40 1.73
N ILE A 37 -35.66 7.77 2.28
CA ILE A 37 -35.77 6.66 3.22
C ILE A 37 -35.03 7.25 4.43
N GLY A 38 -35.78 7.63 5.46
CA GLY A 38 -35.19 8.23 6.64
C GLY A 38 -34.91 7.23 7.74
N GLN A 39 -34.23 7.67 8.82
CA GLN A 39 -33.95 6.77 9.93
C GLN A 39 -35.17 6.48 10.77
N THR A 40 -35.36 5.20 11.09
CA THR A 40 -36.48 4.74 11.91
C THR A 40 -35.94 4.49 13.30
N PRO A 48 -43.28 -6.34 10.29
CA PRO A 48 -42.25 -7.15 9.60
C PRO A 48 -42.22 -6.91 8.08
N LEU A 49 -41.19 -7.41 7.39
CA LEU A 49 -41.08 -7.21 5.95
C LEU A 49 -41.84 -8.24 5.12
N GLU A 50 -42.59 -7.78 4.13
N GLU A 50 -42.59 -7.79 4.13
CA GLU A 50 -43.31 -8.65 3.20
CA GLU A 50 -43.29 -8.69 3.22
C GLU A 50 -42.25 -9.24 2.24
C GLU A 50 -42.27 -9.23 2.22
N ALA A 51 -42.44 -10.48 1.80
CA ALA A 51 -41.51 -11.11 0.89
C ALA A 51 -41.96 -10.98 -0.54
N VAL A 52 -40.99 -10.87 -1.45
CA VAL A 52 -41.21 -10.87 -2.87
C VAL A 52 -40.23 -11.85 -3.47
N ASP A 53 -40.71 -12.81 -4.26
CA ASP A 53 -39.84 -13.77 -4.93
C ASP A 53 -39.05 -13.02 -6.00
N VAL A 54 -37.73 -13.13 -5.93
CA VAL A 54 -36.80 -12.44 -6.81
C VAL A 54 -37.05 -12.79 -8.30
N ARG A 55 -37.65 -13.95 -8.59
CA ARG A 55 -37.99 -14.33 -9.98
C ARG A 55 -39.10 -13.43 -10.57
N GLN A 56 -39.91 -12.79 -9.72
CA GLN A 56 -40.95 -11.87 -10.17
C GLN A 56 -40.37 -10.56 -10.73
N ILE A 57 -39.10 -10.24 -10.43
CA ILE A 57 -38.51 -8.99 -10.90
C ILE A 57 -37.31 -9.19 -11.83
N TYR A 58 -36.80 -10.43 -12.01
CA TYR A 58 -35.64 -10.74 -12.87
C TYR A 58 -35.68 -10.08 -14.26
N ASP A 59 -36.84 -10.16 -14.93
CA ASP A 59 -37.02 -9.61 -16.28
C ASP A 59 -36.72 -8.10 -16.38
N LYS A 60 -36.86 -7.36 -15.28
CA LYS A 60 -36.63 -5.90 -15.28
C LYS A 60 -35.22 -5.50 -14.83
N PHE A 61 -34.35 -6.47 -14.50
CA PHE A 61 -33.01 -6.15 -14.03
C PHE A 61 -31.93 -6.79 -14.90
N PRO A 62 -30.65 -6.33 -14.82
CA PRO A 62 -29.60 -6.96 -15.64
C PRO A 62 -29.51 -8.47 -15.44
N GLU A 63 -29.38 -9.20 -16.54
CA GLU A 63 -29.32 -10.65 -16.48
C GLU A 63 -27.91 -11.18 -16.83
N LYS A 64 -27.74 -12.52 -16.85
CA LYS A 64 -26.46 -13.18 -17.16
C LYS A 64 -25.33 -12.72 -16.19
N LYS A 65 -24.14 -12.28 -16.68
CA LYS A 65 -22.99 -11.85 -15.88
C LYS A 65 -23.24 -10.61 -15.01
N GLY A 66 -22.88 -10.71 -13.73
CA GLY A 66 -23.03 -9.67 -12.71
C GLY A 66 -24.45 -9.21 -12.43
N GLY A 67 -25.43 -9.91 -13.00
CA GLY A 67 -26.85 -9.54 -12.87
C GLY A 67 -27.46 -9.85 -11.52
N LEU A 68 -28.74 -9.47 -11.33
CA LEU A 68 -29.47 -9.70 -10.08
C LEU A 68 -29.52 -11.19 -9.75
N LYS A 69 -29.77 -12.01 -10.76
CA LYS A 69 -29.83 -13.46 -10.58
C LYS A 69 -28.50 -14.04 -10.14
N GLU A 70 -27.42 -13.61 -10.78
CA GLU A 70 -26.10 -14.10 -10.45
C GLU A 70 -25.67 -13.61 -9.07
N LEU A 71 -25.97 -12.38 -8.73
CA LEU A 71 -25.68 -11.84 -7.40
C LEU A 71 -26.46 -12.57 -6.33
N TYR A 72 -27.77 -12.81 -6.58
CA TYR A 72 -28.63 -13.51 -5.64
C TYR A 72 -28.13 -14.93 -5.38
N GLU A 73 -27.76 -15.66 -6.44
CA GLU A 73 -27.22 -17.02 -6.32
C GLU A 73 -25.88 -17.05 -5.56
N LYS A 74 -25.03 -16.01 -5.71
CA LYS A 74 -23.76 -15.90 -4.99
C LYS A 74 -24.01 -15.64 -3.50
N GLY A 75 -25.06 -14.89 -3.19
CA GLY A 75 -25.48 -14.63 -1.82
C GLY A 75 -24.70 -13.55 -1.11
N PRO A 76 -24.97 -13.34 0.20
CA PRO A 76 -25.94 -14.06 1.04
C PRO A 76 -27.37 -13.59 0.80
N PRO A 77 -28.37 -14.50 0.90
CA PRO A 77 -29.76 -14.10 0.63
C PRO A 77 -30.27 -12.97 1.54
N ASN A 78 -29.71 -12.86 2.76
CA ASN A 78 -30.17 -11.80 3.68
C ASN A 78 -29.79 -10.37 3.26
N ALA A 79 -28.96 -10.22 2.21
CA ALA A 79 -28.53 -8.90 1.76
C ALA A 79 -29.45 -8.27 0.73
N PHE A 80 -30.48 -8.99 0.23
CA PHE A 80 -31.31 -8.54 -0.89
C PHE A 80 -32.67 -7.96 -0.53
N PHE A 81 -32.92 -6.75 -1.03
CA PHE A 81 -34.13 -5.99 -0.77
C PHE A 81 -34.69 -5.37 -2.05
N LEU A 82 -35.99 -5.16 -2.06
CA LEU A 82 -36.67 -4.48 -3.13
C LEU A 82 -37.32 -3.25 -2.49
N VAL A 83 -37.12 -2.08 -3.10
CA VAL A 83 -37.75 -0.86 -2.63
C VAL A 83 -38.61 -0.31 -3.76
N LYS A 84 -39.90 -0.12 -3.48
CA LYS A 84 -40.78 0.55 -4.40
C LYS A 84 -40.79 2.01 -3.99
N PHE A 85 -40.59 2.92 -4.93
CA PHE A 85 -40.63 4.35 -4.63
C PHE A 85 -41.79 4.99 -5.39
N TRP A 86 -42.46 5.96 -4.75
CA TRP A 86 -43.43 6.81 -5.41
C TRP A 86 -42.73 8.16 -5.31
N ALA A 87 -42.01 8.54 -6.37
CA ALA A 87 -41.20 9.75 -6.38
C ALA A 87 -42.02 11.03 -6.53
N ASP A 88 -41.63 12.08 -5.80
CA ASP A 88 -42.34 13.34 -5.88
C ASP A 88 -41.68 14.14 -7.01
N LEU A 89 -42.38 14.21 -8.13
CA LEU A 89 -41.90 14.96 -9.27
C LEU A 89 -42.68 16.27 -9.49
N ASN A 90 -43.36 16.80 -8.45
CA ASN A 90 -44.08 18.06 -8.57
C ASN A 90 -43.07 19.22 -8.61
N SER A 91 -43.33 20.22 -9.46
CA SER A 91 -42.44 21.39 -9.55
C SER A 91 -42.79 22.38 -8.44
N THR A 92 -42.34 22.08 -7.22
CA THR A 92 -42.64 22.89 -6.03
C THR A 92 -41.66 24.05 -5.80
N ILE A 93 -40.53 24.07 -6.53
CA ILE A 93 -39.51 25.11 -6.40
C ILE A 93 -39.17 25.69 -7.77
N GLN A 94 -38.87 26.99 -7.81
CA GLN A 94 -38.45 27.65 -9.04
C GLN A 94 -36.98 27.29 -9.26
N GLU A 95 -36.72 26.36 -10.19
CA GLU A 95 -35.38 25.87 -10.50
C GLU A 95 -34.45 26.94 -11.06
N GLY A 98 -28.60 26.58 -12.56
CA GLY A 98 -27.80 26.62 -11.34
C GLY A 98 -28.22 25.60 -10.28
N ALA A 99 -29.40 24.97 -10.43
CA ALA A 99 -29.88 24.00 -9.45
C ALA A 99 -28.89 22.83 -9.28
N PHE A 100 -28.85 22.23 -8.09
CA PHE A 100 -27.99 21.09 -7.79
C PHE A 100 -28.85 19.82 -7.63
N TYR A 101 -28.54 18.75 -8.34
CA TYR A 101 -29.25 17.48 -8.21
C TYR A 101 -28.29 16.53 -7.53
N GLY A 102 -28.71 15.95 -6.42
CA GLY A 102 -27.82 15.09 -5.67
C GLY A 102 -28.47 13.96 -4.91
N VAL A 103 -27.61 13.10 -4.37
CA VAL A 103 -28.00 11.93 -3.60
C VAL A 103 -27.18 11.91 -2.34
N SER A 104 -27.82 11.71 -1.20
CA SER A 104 -27.14 11.60 0.08
C SER A 104 -27.57 10.28 0.72
N SER A 105 -26.62 9.56 1.27
CA SER A 105 -26.91 8.30 1.93
C SER A 105 -25.95 8.00 3.04
N GLN A 106 -26.40 7.17 3.96
CA GLN A 106 -25.63 6.75 5.12
C GLN A 106 -25.80 5.28 5.34
N TYR A 107 -24.72 4.63 5.80
CA TYR A 107 -24.70 3.21 6.14
C TYR A 107 -23.92 3.01 7.43
N SER A 108 -24.08 1.85 8.04
CA SER A 108 -23.28 1.49 9.22
C SER A 108 -23.00 0.00 9.24
N SER A 109 -21.85 -0.36 9.84
CA SER A 109 -21.43 -1.74 10.00
C SER A 109 -20.78 -1.91 11.38
N ALA A 110 -20.65 -3.15 11.82
CA ALA A 110 -19.94 -3.46 13.06
C ALA A 110 -18.42 -3.56 12.81
N ASP A 111 -18.00 -3.79 11.54
CA ASP A 111 -16.59 -3.96 11.16
C ASP A 111 -16.02 -2.77 10.45
N SER A 112 -14.72 -2.57 10.63
CA SER A 112 -13.93 -1.51 10.04
C SER A 112 -13.51 -1.94 8.65
N MET A 113 -14.13 -1.42 7.60
CA MET A 113 -13.79 -1.81 6.24
C MET A 113 -14.16 -0.70 5.26
N THR A 114 -13.56 -0.71 4.07
CA THR A 114 -13.87 0.26 3.03
C THR A 114 -14.97 -0.37 2.16
N ILE A 115 -16.03 0.39 1.87
CA ILE A 115 -17.12 -0.12 1.04
C ILE A 115 -17.12 0.51 -0.34
N SER A 116 -17.74 -0.15 -1.28
CA SER A 116 -17.86 0.35 -2.61
C SER A 116 -19.35 0.26 -2.97
N VAL A 117 -19.95 1.40 -3.30
CA VAL A 117 -21.34 1.48 -3.64
C VAL A 117 -21.49 1.67 -5.15
N SER A 118 -22.07 0.66 -5.81
CA SER A 118 -22.34 0.72 -7.24
C SER A 118 -23.83 1.01 -7.41
N THR A 119 -24.17 2.02 -8.22
CA THR A 119 -25.53 2.36 -8.55
C THR A 119 -25.66 2.24 -10.04
N LYS A 120 -26.34 1.20 -10.49
CA LYS A 120 -26.55 0.95 -11.90
C LYS A 120 -27.95 1.40 -12.28
N VAL A 121 -28.04 2.21 -13.35
CA VAL A 121 -29.31 2.70 -13.86
C VAL A 121 -29.62 1.87 -15.11
N CYS A 122 -30.83 1.26 -15.16
CA CYS A 122 -31.23 0.40 -16.25
C CYS A 122 -32.52 0.84 -16.96
N SER A 123 -32.53 0.67 -18.27
CA SER A 123 -33.70 0.95 -19.10
C SER A 123 -33.99 -0.35 -19.87
N PHE A 124 -35.19 -0.92 -19.69
CA PHE A 124 -35.60 -2.19 -20.28
C PHE A 124 -34.65 -3.33 -19.89
N GLY A 125 -34.19 -3.32 -18.64
CA GLY A 125 -33.30 -4.34 -18.11
C GLY A 125 -31.83 -4.22 -18.51
N LYS A 126 -31.48 -3.18 -19.28
CA LYS A 126 -30.10 -2.99 -19.72
C LYS A 126 -29.48 -1.80 -19.03
N GLN A 127 -28.25 -1.99 -18.53
CA GLN A 127 -27.52 -0.95 -17.85
C GLN A 127 -27.18 0.16 -18.82
N VAL A 128 -27.57 1.40 -18.52
CA VAL A 128 -27.27 2.53 -19.37
C VAL A 128 -26.20 3.43 -18.71
N VAL A 129 -26.22 3.58 -17.38
CA VAL A 129 -25.20 4.35 -16.66
C VAL A 129 -24.89 3.70 -15.31
N GLU A 130 -23.66 3.89 -14.83
CA GLU A 130 -23.26 3.35 -13.55
C GLU A 130 -22.39 4.34 -12.81
N LYS A 131 -22.65 4.52 -11.53
CA LYS A 131 -21.81 5.36 -10.67
C LYS A 131 -21.26 4.46 -9.57
N VAL A 132 -19.95 4.49 -9.33
CA VAL A 132 -19.29 3.69 -8.30
C VAL A 132 -18.60 4.64 -7.34
N GLU A 133 -18.91 4.54 -6.05
CA GLU A 133 -18.29 5.40 -5.05
C GLU A 133 -17.75 4.59 -3.94
N THR A 134 -16.47 4.78 -3.63
N THR A 134 -16.47 4.76 -3.61
CA THR A 134 -15.89 4.08 -2.50
CA THR A 134 -15.83 4.03 -2.52
C THR A 134 -15.98 4.99 -1.28
C THR A 134 -15.77 4.92 -1.27
N GLU A 135 -16.17 4.38 -0.11
CA GLU A 135 -16.28 5.13 1.11
C GLU A 135 -15.57 4.47 2.26
N TYR A 136 -14.82 5.29 3.02
CA TYR A 136 -14.09 4.88 4.20
C TYR A 136 -15.00 5.16 5.42
N ALA A 137 -14.95 4.30 6.43
CA ALA A 137 -15.76 4.45 7.62
C ALA A 137 -15.22 5.51 8.58
N ARG A 138 -16.13 6.06 9.39
CA ARG A 138 -15.79 6.91 10.53
C ARG A 138 -16.31 6.15 11.77
N LEU A 139 -15.48 5.97 12.81
CA LEU A 139 -15.89 5.27 14.01
C LEU A 139 -16.79 6.21 14.86
N GLU A 140 -18.03 5.81 15.08
CA GLU A 140 -19.00 6.65 15.80
C GLU A 140 -19.86 5.84 16.72
N ASN A 141 -19.70 6.05 18.03
CA ASN A 141 -20.45 5.35 19.08
C ASN A 141 -20.37 3.83 18.96
N GLY A 142 -19.18 3.31 18.71
CA GLY A 142 -18.98 1.87 18.57
C GLY A 142 -19.44 1.26 17.25
N ARG A 143 -19.85 2.11 16.28
CA ARG A 143 -20.29 1.66 14.96
C ARG A 143 -19.41 2.31 13.87
N PHE A 144 -19.25 1.63 12.73
CA PHE A 144 -18.49 2.24 11.63
C PHE A 144 -19.53 2.83 10.70
N VAL A 145 -19.48 4.15 10.45
CA VAL A 145 -20.49 4.84 9.65
C VAL A 145 -19.91 5.32 8.33
N TYR A 146 -20.69 5.23 7.26
CA TYR A 146 -20.27 5.61 5.92
C TYR A 146 -21.23 6.64 5.46
N ARG A 147 -20.74 7.83 5.09
CA ARG A 147 -21.60 8.91 4.63
C ARG A 147 -21.25 9.33 3.22
N ILE A 148 -22.20 9.26 2.30
CA ILE A 148 -22.00 9.75 0.95
C ILE A 148 -22.86 10.98 0.90
N HIS A 149 -22.27 12.14 1.09
CA HIS A 149 -23.01 13.40 1.20
C HIS A 149 -23.04 14.20 -0.09
N ARG A 150 -24.24 14.54 -0.57
CA ARG A 150 -24.42 15.36 -1.76
C ARG A 150 -23.63 14.89 -2.98
N SER A 151 -23.74 13.61 -3.29
CA SER A 151 -23.11 13.03 -4.46
C SER A 151 -23.88 13.56 -5.68
N PRO A 152 -23.25 14.29 -6.61
CA PRO A 152 -24.00 14.84 -7.74
C PRO A 152 -24.59 13.76 -8.63
N MET A 153 -25.85 13.96 -9.07
CA MET A 153 -26.46 13.03 -10.00
C MET A 153 -25.78 13.23 -11.36
N CYS A 154 -25.66 12.16 -12.13
CA CYS A 154 -25.10 12.27 -13.47
C CYS A 154 -26.12 12.95 -14.36
N GLU A 155 -25.65 13.55 -15.46
CA GLU A 155 -26.48 14.25 -16.42
C GLU A 155 -27.59 13.37 -16.98
N TYR A 156 -27.35 12.05 -17.14
CA TYR A 156 -28.37 11.14 -17.66
C TYR A 156 -29.64 11.18 -16.77
N MET A 157 -29.43 11.15 -15.44
CA MET A 157 -30.52 11.19 -14.47
C MET A 157 -31.18 12.54 -14.38
N ILE A 158 -30.40 13.62 -14.47
CA ILE A 158 -30.98 14.96 -14.45
C ILE A 158 -31.87 15.17 -15.67
N ASN A 159 -31.38 14.77 -16.84
CA ASN A 159 -32.14 14.88 -18.08
C ASN A 159 -33.40 13.99 -18.04
N PHE A 160 -33.30 12.81 -17.44
CA PHE A 160 -34.43 11.90 -17.30
C PHE A 160 -35.52 12.51 -16.41
N ILE A 161 -35.12 13.09 -15.25
CA ILE A 161 -36.07 13.78 -14.37
C ILE A 161 -36.74 14.95 -15.10
N HIS A 162 -35.95 15.79 -15.83
CA HIS A 162 -36.51 16.90 -16.62
C HIS A 162 -37.51 16.41 -17.66
N LYS A 163 -37.19 15.31 -18.37
CA LYS A 163 -38.06 14.75 -19.40
C LYS A 163 -39.36 14.26 -18.76
N LEU A 164 -39.28 13.57 -17.59
CA LEU A 164 -40.48 13.09 -16.89
C LEU A 164 -41.37 14.27 -16.50
N LYS A 165 -40.75 15.33 -15.95
CA LYS A 165 -41.42 16.57 -15.55
C LYS A 165 -42.08 17.29 -16.72
N HIS A 166 -41.62 17.05 -17.95
CA HIS A 166 -42.23 17.62 -19.14
C HIS A 166 -43.53 16.89 -19.55
N LEU A 167 -43.85 15.73 -18.92
CA LEU A 167 -45.08 15.02 -19.27
C LEU A 167 -46.24 15.69 -18.55
N PRO A 168 -47.34 15.96 -19.28
CA PRO A 168 -48.47 16.67 -18.66
C PRO A 168 -49.29 15.86 -17.66
N GLU A 169 -49.20 14.52 -17.70
CA GLU A 169 -49.99 13.68 -16.80
C GLU A 169 -49.14 12.62 -16.15
N LYS A 170 -49.41 12.36 -14.88
CA LYS A 170 -48.65 11.44 -14.04
C LYS A 170 -48.67 10.00 -14.50
N TYR A 171 -49.80 9.53 -15.11
CA TYR A 171 -49.85 8.15 -15.62
C TYR A 171 -48.78 7.96 -16.72
N MET A 172 -48.49 9.04 -17.51
CA MET A 172 -47.49 8.99 -18.56
C MET A 172 -46.11 8.79 -17.94
N MET A 173 -45.85 9.40 -16.77
CA MET A 173 -44.59 9.22 -16.08
C MET A 173 -44.48 7.77 -15.59
N ASN A 174 -45.58 7.19 -15.06
CA ASN A 174 -45.60 5.78 -14.62
C ASN A 174 -45.33 4.83 -15.76
N SER A 175 -45.82 5.15 -16.96
N SER A 175 -45.84 5.15 -16.95
CA SER A 175 -45.63 4.33 -18.15
CA SER A 175 -45.64 4.34 -18.14
C SER A 175 -44.15 4.30 -18.55
C SER A 175 -44.15 4.29 -18.52
N VAL A 176 -43.47 5.44 -18.52
CA VAL A 176 -42.05 5.49 -18.86
C VAL A 176 -41.23 4.76 -17.76
N LEU A 177 -41.61 4.97 -16.50
CA LEU A 177 -40.96 4.38 -15.33
C LEU A 177 -41.12 2.86 -15.20
N GLU A 178 -42.12 2.27 -15.89
N GLU A 178 -42.13 2.26 -15.87
CA GLU A 178 -42.39 0.82 -15.89
CA GLU A 178 -42.37 0.81 -15.83
C GLU A 178 -41.14 0.01 -16.23
C GLU A 178 -41.11 0.01 -16.20
N ASN A 179 -40.32 0.54 -17.13
CA ASN A 179 -39.12 -0.13 -17.58
C ASN A 179 -37.84 0.54 -17.13
N PHE A 180 -37.87 1.34 -16.06
CA PHE A 180 -36.71 2.01 -15.52
C PHE A 180 -36.44 1.45 -14.12
N THR A 181 -35.20 0.99 -13.88
CA THR A 181 -34.83 0.44 -12.60
C THR A 181 -33.45 0.89 -12.18
N ILE A 182 -33.21 0.87 -10.86
CA ILE A 182 -31.91 1.17 -10.32
C ILE A 182 -31.50 -0.04 -9.43
N LEU A 183 -30.26 -0.52 -9.57
CA LEU A 183 -29.78 -1.60 -8.75
C LEU A 183 -28.59 -1.07 -7.99
N GLN A 184 -28.70 -1.02 -6.67
CA GLN A 184 -27.61 -0.56 -5.83
C GLN A 184 -26.95 -1.78 -5.20
N VAL A 185 -25.65 -1.96 -5.45
CA VAL A 185 -24.88 -3.08 -4.90
C VAL A 185 -23.75 -2.53 -4.05
N VAL A 186 -23.77 -2.84 -2.74
CA VAL A 186 -22.70 -2.41 -1.87
C VAL A 186 -21.82 -3.61 -1.58
N THR A 187 -20.52 -3.46 -1.82
CA THR A 187 -19.57 -4.52 -1.58
C THR A 187 -18.46 -4.06 -0.65
N SER A 188 -17.76 -5.01 -0.06
CA SER A 188 -16.55 -4.72 0.67
C SER A 188 -15.49 -4.47 -0.46
N ARG A 189 -14.83 -3.31 -0.47
CA ARG A 189 -13.91 -2.97 -1.55
C ARG A 189 -12.81 -4.03 -1.82
N ASP A 190 -12.15 -4.53 -0.76
CA ASP A 190 -11.03 -5.44 -0.94
C ASP A 190 -11.42 -6.90 -1.22
N SER A 191 -12.43 -7.43 -0.53
CA SER A 191 -12.84 -8.81 -0.77
C SER A 191 -13.88 -8.96 -1.86
N GLN A 192 -14.56 -7.87 -2.24
CA GLN A 192 -15.68 -7.86 -3.20
C GLN A 192 -16.90 -8.68 -2.72
N GLU A 193 -17.03 -8.88 -1.40
N GLU A 193 -17.03 -8.90 -1.41
CA GLU A 193 -18.17 -9.59 -0.81
CA GLU A 193 -18.17 -9.62 -0.87
C GLU A 193 -19.39 -8.69 -0.89
C GLU A 193 -19.39 -8.71 -0.89
N THR A 194 -20.54 -9.26 -1.24
CA THR A 194 -21.78 -8.50 -1.31
C THR A 194 -22.29 -8.21 0.10
N LEU A 195 -22.38 -6.93 0.46
CA LEU A 195 -22.87 -6.52 1.77
C LEU A 195 -24.35 -6.17 1.74
N LEU A 196 -24.81 -5.56 0.65
CA LEU A 196 -26.21 -5.15 0.56
C LEU A 196 -26.60 -4.95 -0.90
N VAL A 197 -27.78 -5.40 -1.32
CA VAL A 197 -28.27 -5.21 -2.68
C VAL A 197 -29.67 -4.69 -2.59
N ILE A 198 -29.93 -3.53 -3.22
CA ILE A 198 -31.28 -2.96 -3.24
C ILE A 198 -31.72 -2.73 -4.66
N ALA A 199 -32.82 -3.36 -5.04
CA ALA A 199 -33.42 -3.15 -6.36
C ALA A 199 -34.46 -2.06 -6.18
N PHE A 200 -34.37 -0.97 -6.94
CA PHE A 200 -35.32 0.13 -6.84
C PHE A 200 -36.19 0.17 -8.05
N VAL A 201 -37.50 0.31 -7.81
CA VAL A 201 -38.51 0.46 -8.85
C VAL A 201 -39.33 1.70 -8.53
N PHE A 202 -39.91 2.31 -9.57
CA PHE A 202 -40.50 3.63 -9.45
C PHE A 202 -41.83 3.86 -10.13
N GLU A 203 -42.61 4.69 -9.46
CA GLU A 203 -43.82 5.31 -9.91
C GLU A 203 -43.70 6.78 -9.43
N VAL A 204 -44.61 7.61 -9.85
CA VAL A 204 -44.67 8.98 -9.39
C VAL A 204 -45.76 9.08 -8.33
N SER A 205 -45.53 9.92 -7.34
CA SER A 205 -46.45 10.14 -6.25
C SER A 205 -47.63 10.97 -6.72
N THR A 206 -48.84 10.58 -6.33
CA THR A 206 -50.07 11.34 -6.63
C THR A 206 -50.77 11.84 -5.33
N SER A 207 -50.21 11.53 -4.16
CA SER A 207 -50.71 11.85 -2.85
C SER A 207 -50.30 13.25 -2.39
N GLU A 208 -51.10 13.83 -1.47
CA GLU A 208 -50.77 15.14 -0.88
C GLU A 208 -49.60 15.02 0.13
N HIS A 209 -49.38 13.82 0.68
CA HIS A 209 -48.29 13.52 1.62
C HIS A 209 -46.89 13.42 0.95
N GLY A 210 -46.83 13.53 -0.39
CA GLY A 210 -45.58 13.51 -1.14
C GLY A 210 -45.01 12.14 -1.47
N ALA A 211 -43.68 12.07 -1.48
CA ALA A 211 -42.90 10.90 -1.77
C ALA A 211 -43.16 9.79 -0.78
N GLN A 212 -43.29 8.56 -1.28
N GLN A 212 -43.28 8.57 -1.28
CA GLN A 212 -43.55 7.40 -0.45
CA GLN A 212 -43.53 7.40 -0.44
C GLN A 212 -42.59 6.25 -0.83
C GLN A 212 -42.59 6.26 -0.83
N HIS A 213 -42.50 5.22 0.02
CA HIS A 213 -41.70 4.06 -0.28
C HIS A 213 -42.26 2.82 0.43
N HIS A 214 -41.92 1.64 -0.06
CA HIS A 214 -42.32 0.37 0.57
C HIS A 214 -41.14 -0.56 0.39
N VAL A 215 -40.70 -1.20 1.47
CA VAL A 215 -39.58 -2.12 1.50
C VAL A 215 -40.07 -3.56 1.53
N TYR A 216 -39.44 -4.41 0.73
CA TYR A 216 -39.76 -5.85 0.69
C TYR A 216 -38.45 -6.61 0.77
N LYS A 217 -38.52 -7.77 1.41
CA LYS A 217 -37.35 -8.64 1.47
C LYS A 217 -37.42 -9.54 0.20
N LEU A 218 -36.33 -9.65 -0.55
CA LEU A 218 -36.32 -10.51 -1.73
C LEU A 218 -35.99 -11.92 -1.26
N VAL A 219 -36.80 -12.87 -1.69
CA VAL A 219 -36.64 -14.30 -1.33
C VAL A 219 -36.63 -15.14 -2.62
N LYS A 220 -36.38 -16.45 -2.50
CA LYS A 220 -36.42 -17.37 -3.63
C LYS A 220 -36.95 -18.69 -3.11
N ARG B 4 37.43 14.83 5.68
CA ARG B 4 37.07 14.80 4.26
C ARG B 4 35.65 14.27 4.03
N THR B 5 35.01 14.68 2.91
CA THR B 5 33.62 14.38 2.59
C THR B 5 33.36 13.00 1.97
N ILE B 6 32.42 12.26 2.57
CA ILE B 6 32.00 10.96 2.08
C ILE B 6 30.63 11.17 1.42
N ALA B 7 30.64 11.17 0.10
CA ALA B 7 29.42 11.39 -0.65
C ALA B 7 29.53 10.72 -2.01
N SER B 8 28.48 10.01 -2.38
CA SER B 8 28.36 9.47 -3.72
C SER B 8 27.58 10.55 -4.53
N SER B 9 27.16 10.26 -5.78
CA SER B 9 26.34 11.22 -6.53
C SER B 9 24.88 11.24 -6.01
N ARG B 10 24.49 10.30 -5.11
CA ARG B 10 23.12 10.22 -4.64
C ARG B 10 22.94 10.38 -3.14
N LEU B 11 24.01 10.21 -2.36
CA LEU B 11 23.87 10.27 -0.91
C LEU B 11 25.14 10.78 -0.25
N ARG B 12 24.97 11.59 0.75
CA ARG B 12 26.05 12.16 1.50
C ARG B 12 25.99 11.69 2.98
N LEU B 13 27.12 11.24 3.52
CA LEU B 13 27.20 10.91 4.94
C LEU B 13 27.52 12.23 5.64
N LEU B 14 26.65 12.70 6.53
CA LEU B 14 26.88 13.94 7.25
C LEU B 14 27.67 13.68 8.54
N GLU B 15 27.31 12.63 9.27
CA GLU B 15 27.91 12.32 10.56
C GLU B 15 27.83 10.86 10.86
N TYR B 16 28.80 10.34 11.64
CA TYR B 16 28.80 8.96 12.08
C TYR B 16 29.53 8.92 13.42
N SER B 17 28.90 8.39 14.47
CA SER B 17 29.51 8.29 15.80
C SER B 17 29.13 7.00 16.44
N ALA B 18 30.07 6.37 17.14
CA ALA B 18 29.80 5.20 17.96
C ALA B 18 30.28 5.63 19.35
N PHE B 19 29.47 5.37 20.37
CA PHE B 19 29.73 5.90 21.69
C PHE B 19 29.11 5.06 22.82
N MET B 20 29.52 5.39 24.04
CA MET B 20 28.89 4.88 25.22
C MET B 20 28.42 6.08 26.08
N GLU B 21 27.22 5.98 26.63
CA GLU B 21 26.64 7.02 27.49
C GLU B 21 26.34 6.39 28.83
N VAL B 22 26.61 7.14 29.91
CA VAL B 22 26.33 6.70 31.26
C VAL B 22 25.48 7.79 31.94
N GLN B 23 24.31 7.43 32.43
CA GLN B 23 23.48 8.35 33.18
C GLN B 23 23.53 7.80 34.62
N ARG B 24 24.56 8.19 35.39
CA ARG B 24 24.75 7.71 36.77
C ARG B 24 23.54 7.98 37.65
N ASP B 25 22.92 9.14 37.45
CA ASP B 25 21.74 9.57 38.20
C ASP B 25 20.93 10.58 37.35
N PRO B 26 19.74 11.06 37.78
CA PRO B 26 18.98 12.01 36.92
C PRO B 26 19.70 13.34 36.59
N ASP B 27 20.75 13.70 37.34
CA ASP B 27 21.49 14.95 37.07
C ASP B 27 22.86 14.75 36.48
N THR B 28 23.31 13.51 36.26
CA THR B 28 24.66 13.24 35.83
C THR B 28 24.70 12.42 34.57
N TYR B 29 25.32 12.98 33.55
CA TYR B 29 25.39 12.36 32.25
C TYR B 29 26.82 12.40 31.76
N SER B 30 27.31 11.31 31.16
CA SER B 30 28.64 11.26 30.55
C SER B 30 28.58 10.53 29.23
N LYS B 31 29.38 10.94 28.26
CA LYS B 31 29.44 10.31 26.98
C LYS B 31 30.91 10.12 26.57
N HIS B 32 31.23 8.94 26.05
CA HIS B 32 32.56 8.66 25.55
C HIS B 32 32.41 8.25 24.08
N LEU B 33 33.09 8.94 23.18
CA LEU B 33 33.07 8.59 21.76
C LEU B 33 34.18 7.58 21.47
N PHE B 34 33.84 6.45 20.86
CA PHE B 34 34.83 5.47 20.43
C PHE B 34 35.40 5.97 19.09
N VAL B 35 34.51 6.32 18.14
CA VAL B 35 34.87 6.82 16.80
C VAL B 35 33.88 7.91 16.43
N HIS B 36 34.32 8.89 15.60
N HIS B 36 34.32 8.81 15.56
CA HIS B 36 33.45 10.00 15.22
CA HIS B 36 33.47 9.89 15.12
C HIS B 36 33.91 10.70 13.94
C HIS B 36 33.94 10.44 13.79
N ILE B 37 32.99 10.85 12.98
CA ILE B 37 33.18 11.52 11.71
C ILE B 37 32.16 12.64 11.83
N GLY B 38 32.63 13.85 12.04
CA GLY B 38 31.75 14.99 12.23
C GLY B 38 31.52 15.78 10.96
N GLN B 39 30.59 16.73 11.01
CA GLN B 39 30.31 17.58 9.85
C GLN B 39 31.42 18.58 9.58
N THR B 40 31.73 18.77 8.31
CA THR B 40 32.73 19.71 7.79
C THR B 40 32.59 21.12 8.42
N PRO B 48 41.04 16.20 -3.17
CA PRO B 48 41.74 16.03 -1.89
C PRO B 48 41.72 14.60 -1.34
N LEU B 49 40.72 13.73 -1.69
CA LEU B 49 40.75 12.36 -1.19
C LEU B 49 41.81 11.52 -1.89
N GLU B 50 42.57 10.79 -1.11
CA GLU B 50 43.55 9.85 -1.63
C GLU B 50 42.80 8.60 -2.14
N ALA B 51 43.30 7.97 -3.19
CA ALA B 51 42.67 6.76 -3.73
C ALA B 51 43.34 5.51 -3.20
N VAL B 52 42.55 4.46 -3.02
CA VAL B 52 43.06 3.15 -2.61
C VAL B 52 42.42 2.13 -3.54
N ASP B 53 43.23 1.25 -4.13
CA ASP B 53 42.70 0.20 -4.99
C ASP B 53 41.94 -0.81 -4.11
N VAL B 54 40.68 -1.06 -4.45
CA VAL B 54 39.79 -1.93 -3.70
C VAL B 54 40.34 -3.38 -3.57
N ARG B 55 41.22 -3.80 -4.51
CA ARG B 55 41.86 -5.13 -4.44
C ARG B 55 42.81 -5.25 -3.24
N GLN B 56 43.31 -4.12 -2.72
CA GLN B 56 44.19 -4.12 -1.56
C GLN B 56 43.45 -4.51 -0.27
N ILE B 57 42.10 -4.42 -0.24
CA ILE B 57 41.36 -4.73 0.97
C ILE B 57 40.39 -5.93 0.83
N TYR B 58 40.22 -6.48 -0.39
CA TYR B 58 39.29 -7.60 -0.67
C TYR B 58 39.38 -8.75 0.33
N ASP B 59 40.61 -9.17 0.65
CA ASP B 59 40.87 -10.30 1.55
C ASP B 59 40.27 -10.14 2.94
N LYS B 60 40.10 -8.89 3.40
CA LYS B 60 39.55 -8.62 4.73
C LYS B 60 38.03 -8.40 4.76
N PHE B 61 37.36 -8.47 3.61
CA PHE B 61 35.90 -8.23 3.56
C PHE B 61 35.14 -9.43 3.00
N PRO B 62 33.78 -9.52 3.15
CA PRO B 62 33.06 -10.68 2.59
C PRO B 62 33.28 -10.86 1.09
N GLU B 63 33.46 -12.11 0.64
CA GLU B 63 33.72 -12.41 -0.76
C GLU B 63 32.64 -13.33 -1.35
N GLY B 66 27.26 -11.28 -2.71
CA GLY B 66 27.02 -9.87 -2.35
C GLY B 66 28.17 -9.25 -1.58
N GLY B 67 29.38 -9.71 -1.84
CA GLY B 67 30.57 -9.19 -1.16
C GLY B 67 31.04 -7.83 -1.66
N LEU B 68 32.17 -7.32 -1.12
CA LEU B 68 32.71 -6.02 -1.52
C LEU B 68 33.02 -5.99 -3.03
N LYS B 69 33.59 -7.08 -3.53
CA LYS B 69 33.94 -7.24 -4.94
C LYS B 69 32.70 -7.23 -5.84
N GLU B 70 31.66 -7.98 -5.49
CA GLU B 70 30.43 -8.01 -6.28
C GLU B 70 29.74 -6.65 -6.23
N LEU B 71 29.70 -6.01 -5.04
CA LEU B 71 29.09 -4.68 -4.89
C LEU B 71 29.82 -3.67 -5.74
N TYR B 72 31.17 -3.71 -5.74
CA TYR B 72 31.94 -2.77 -6.54
C TYR B 72 31.68 -2.96 -8.04
N GLU B 73 31.64 -4.22 -8.49
CA GLU B 73 31.38 -4.52 -9.90
C GLU B 73 29.99 -4.06 -10.29
N LYS B 74 29.00 -4.24 -9.40
CA LYS B 74 27.64 -3.77 -9.66
C LYS B 74 27.61 -2.24 -9.77
N GLY B 75 28.45 -1.56 -8.97
CA GLY B 75 28.58 -0.11 -9.03
C GLY B 75 27.49 0.67 -8.32
N PRO B 76 27.49 2.01 -8.41
CA PRO B 76 28.46 2.84 -9.15
C PRO B 76 29.78 2.99 -8.37
N PRO B 77 30.93 2.99 -9.05
CA PRO B 77 32.21 3.14 -8.32
C PRO B 77 32.30 4.39 -7.43
N ASN B 78 31.60 5.51 -7.78
CA ASN B 78 31.66 6.73 -6.96
C ASN B 78 31.05 6.59 -5.54
N ALA B 79 30.38 5.48 -5.27
CA ALA B 79 29.75 5.26 -3.98
C ALA B 79 30.65 4.61 -2.94
N PHE B 80 31.88 4.19 -3.31
CA PHE B 80 32.77 3.38 -2.45
C PHE B 80 33.88 4.14 -1.75
N PHE B 81 33.93 3.99 -0.42
CA PHE B 81 34.91 4.66 0.45
C PHE B 81 35.51 3.70 1.47
N LEU B 82 36.74 3.99 1.89
CA LEU B 82 37.41 3.26 2.93
C LEU B 82 37.66 4.25 4.06
N VAL B 83 37.34 3.87 5.29
CA VAL B 83 37.63 4.70 6.44
C VAL B 83 38.52 3.93 7.38
N LYS B 84 39.69 4.49 7.72
CA LYS B 84 40.53 3.92 8.75
C LYS B 84 40.15 4.66 10.04
N PHE B 85 39.88 3.92 11.11
CA PHE B 85 39.57 4.53 12.39
C PHE B 85 40.68 4.20 13.40
N TRP B 86 41.00 5.14 14.27
CA TRP B 86 41.86 4.91 15.41
C TRP B 86 40.87 5.16 16.55
N ALA B 87 40.28 4.08 17.08
CA ALA B 87 39.23 4.15 18.09
C ALA B 87 39.75 4.49 19.49
N ASP B 88 39.02 5.33 20.22
CA ASP B 88 39.40 5.66 21.58
C ASP B 88 38.76 4.63 22.52
N LEU B 89 39.57 3.72 23.07
CA LEU B 89 39.08 2.73 24.02
C LEU B 89 39.55 2.99 25.45
N ASN B 90 39.98 4.23 25.76
CA ASN B 90 40.43 4.57 27.12
C ASN B 90 39.21 4.66 28.04
N SER B 91 39.37 4.18 29.29
CA SER B 91 38.26 4.23 30.25
C SER B 91 38.17 5.61 30.89
N THR B 92 37.61 6.57 30.16
CA THR B 92 37.51 7.95 30.60
C THR B 92 36.25 8.27 31.43
N ILE B 93 35.28 7.35 31.45
CA ILE B 93 34.05 7.52 32.23
C ILE B 93 33.78 6.29 33.09
N GLN B 94 33.22 6.50 34.30
CA GLN B 94 32.88 5.38 35.18
C GLN B 94 31.61 4.74 34.64
N GLU B 95 31.75 3.59 33.96
CA GLU B 95 30.64 2.87 33.35
C GLU B 95 29.58 2.38 34.36
N GLY B 98 24.17 -0.24 33.68
CA GLY B 98 23.22 0.68 33.07
C GLY B 98 23.74 1.45 31.86
N ALA B 99 25.03 1.29 31.50
CA ALA B 99 25.60 2.02 30.35
C ALA B 99 24.94 1.72 29.00
N PHE B 100 24.79 2.74 28.16
CA PHE B 100 24.19 2.56 26.84
C PHE B 100 25.28 2.64 25.76
N TYR B 101 25.34 1.64 24.87
CA TYR B 101 26.29 1.65 23.75
C TYR B 101 25.46 1.88 22.49
N GLY B 102 25.82 2.90 21.73
CA GLY B 102 25.05 3.21 20.55
C GLY B 102 25.81 3.80 19.38
N VAL B 103 25.08 3.97 18.27
CA VAL B 103 25.60 4.53 17.06
C VAL B 103 24.60 5.55 16.56
N SER B 104 25.09 6.74 16.21
CA SER B 104 24.26 7.78 15.65
C SER B 104 24.87 8.20 14.33
N SER B 105 24.02 8.39 13.33
CA SER B 105 24.49 8.80 12.01
C SER B 105 23.44 9.61 11.27
N GLN B 106 23.89 10.40 10.31
CA GLN B 106 23.01 11.29 9.58
C GLN B 106 23.47 11.30 8.13
N TYR B 107 22.50 11.28 7.20
CA TYR B 107 22.75 11.27 5.78
C TYR B 107 21.85 12.31 5.11
N SER B 108 22.17 12.69 3.88
CA SER B 108 21.29 13.57 3.12
C SER B 108 21.32 13.23 1.63
N SER B 109 20.21 13.49 0.95
CA SER B 109 20.07 13.27 -0.48
C SER B 109 19.28 14.43 -1.10
N ALA B 110 19.33 14.55 -2.41
CA ALA B 110 18.55 15.55 -3.14
C ALA B 110 17.14 14.99 -3.44
N ASP B 111 16.96 13.64 -3.42
CA ASP B 111 15.70 12.97 -3.74
C ASP B 111 14.99 12.43 -2.52
N SER B 112 13.67 12.39 -2.61
CA SER B 112 12.75 11.90 -1.60
C SER B 112 12.64 10.39 -1.74
N MET B 113 13.31 9.62 -0.87
CA MET B 113 13.30 8.18 -0.96
C MET B 113 13.56 7.57 0.41
N THR B 114 13.16 6.31 0.59
CA THR B 114 13.43 5.59 1.83
C THR B 114 14.77 4.87 1.62
N ILE B 115 15.68 4.95 2.61
CA ILE B 115 16.96 4.25 2.51
C ILE B 115 17.03 3.07 3.48
N SER B 116 17.94 2.13 3.21
N SER B 116 17.92 2.12 3.20
CA SER B 116 18.16 0.98 4.06
CA SER B 116 18.17 0.99 4.08
C SER B 116 19.67 0.92 4.35
C SER B 116 19.67 1.00 4.35
N VAL B 117 20.04 1.00 5.63
CA VAL B 117 21.43 0.97 6.03
C VAL B 117 21.78 -0.40 6.59
N SER B 118 22.64 -1.12 5.90
CA SER B 118 23.11 -2.43 6.37
C SER B 118 24.48 -2.26 6.95
N THR B 119 24.69 -2.74 8.17
CA THR B 119 25.99 -2.70 8.82
C THR B 119 26.38 -4.13 9.10
N LYS B 120 27.38 -4.64 8.38
CA LYS B 120 27.86 -6.00 8.53
C LYS B 120 29.15 -6.00 9.34
N VAL B 121 29.20 -6.81 10.39
CA VAL B 121 30.38 -6.94 11.23
C VAL B 121 31.06 -8.25 10.85
N CYS B 122 32.37 -8.20 10.53
CA CYS B 122 33.10 -9.36 10.09
C CYS B 122 34.30 -9.66 10.98
N SER B 123 34.58 -10.95 11.08
CA SER B 123 35.72 -11.48 11.82
C SER B 123 36.43 -12.42 10.85
N PHE B 124 37.70 -12.13 10.53
CA PHE B 124 38.51 -12.90 9.57
C PHE B 124 37.86 -12.93 8.17
N GLY B 125 37.25 -11.83 7.76
CA GLY B 125 36.59 -11.74 6.47
C GLY B 125 35.19 -12.34 6.38
N LYS B 126 34.71 -12.97 7.47
CA LYS B 126 33.38 -13.58 7.48
C LYS B 126 32.39 -12.78 8.30
N GLN B 127 31.19 -12.60 7.75
CA GLN B 127 30.14 -11.86 8.42
C GLN B 127 29.68 -12.63 9.64
N VAL B 128 29.67 -11.99 10.81
CA VAL B 128 29.24 -12.65 12.04
C VAL B 128 27.90 -12.09 12.51
N VAL B 129 27.66 -10.78 12.41
CA VAL B 129 26.36 -10.19 12.74
C VAL B 129 26.07 -9.05 11.75
N GLU B 130 24.78 -8.78 11.51
CA GLU B 130 24.37 -7.72 10.59
C GLU B 130 23.18 -6.98 11.19
N LYS B 131 23.18 -5.67 11.07
CA LYS B 131 22.07 -4.85 11.50
C LYS B 131 21.57 -4.10 10.27
N VAL B 132 20.26 -4.12 10.00
CA VAL B 132 19.64 -3.43 8.87
C VAL B 132 18.61 -2.46 9.42
N GLU B 133 18.72 -1.19 9.05
CA GLU B 133 17.80 -0.18 9.51
C GLU B 133 17.30 0.60 8.36
N THR B 134 15.99 0.71 8.23
N THR B 134 15.98 0.72 8.23
CA THR B 134 15.41 1.52 7.18
CA THR B 134 15.36 1.47 7.14
C THR B 134 15.11 2.90 7.76
C THR B 134 14.92 2.84 7.66
N GLU B 135 15.26 3.92 6.94
CA GLU B 135 15.00 5.26 7.38
C GLU B 135 14.27 6.08 6.34
N TYR B 136 13.24 6.82 6.80
CA TYR B 136 12.46 7.74 5.99
C TYR B 136 13.11 9.12 6.07
N ALA B 137 13.04 9.92 5.00
CA ALA B 137 13.63 11.24 4.98
C ALA B 137 12.74 12.30 5.67
N ARG B 138 13.37 13.37 6.15
CA ARG B 138 12.72 14.59 6.62
C ARG B 138 13.16 15.66 5.61
N LEU B 139 12.22 16.41 5.01
CA LEU B 139 12.58 17.49 4.11
C LEU B 139 13.10 18.63 5.02
N GLU B 140 14.35 19.05 4.79
CA GLU B 140 14.95 20.11 5.61
C GLU B 140 15.84 20.97 4.76
N ASN B 141 15.52 22.29 4.64
CA ASN B 141 16.30 23.25 3.87
C ASN B 141 16.54 22.80 2.42
N GLY B 142 15.51 22.30 1.78
CA GLY B 142 15.59 21.87 0.40
C GLY B 142 16.26 20.53 0.15
N ARG B 143 16.72 19.85 1.21
CA ARG B 143 17.32 18.52 1.06
C ARG B 143 16.58 17.47 1.91
N PHE B 144 16.82 16.20 1.65
CA PHE B 144 16.15 15.13 2.39
C PHE B 144 17.15 14.55 3.36
N VAL B 145 16.85 14.60 4.66
CA VAL B 145 17.80 14.18 5.71
C VAL B 145 17.34 12.92 6.38
N TYR B 146 18.27 12.03 6.70
CA TYR B 146 17.99 10.75 7.33
C TYR B 146 18.77 10.72 8.60
N ARG B 147 18.11 10.49 9.73
CA ARG B 147 18.79 10.46 11.02
C ARG B 147 18.58 9.13 11.70
N ILE B 148 19.68 8.43 12.00
CA ILE B 148 19.59 7.19 12.76
C ILE B 148 20.15 7.59 14.10
N HIS B 149 19.29 7.87 15.06
CA HIS B 149 19.69 8.39 16.35
C HIS B 149 19.76 7.33 17.44
N ARG B 150 20.92 7.20 18.10
CA ARG B 150 21.10 6.28 19.21
C ARG B 150 20.65 4.85 18.94
N SER B 151 21.07 4.30 17.81
CA SER B 151 20.78 2.93 17.46
C SER B 151 21.61 2.03 18.39
N PRO B 152 20.96 1.19 19.22
CA PRO B 152 21.72 0.38 20.18
C PRO B 152 22.67 -0.57 19.52
N MET B 153 23.90 -0.69 20.05
CA MET B 153 24.84 -1.67 19.55
C MET B 153 24.35 -3.04 19.98
N CYS B 154 24.54 -4.05 19.16
CA CYS B 154 24.17 -5.41 19.52
C CYS B 154 25.15 -5.92 20.58
N GLU B 155 24.72 -6.89 21.37
CA GLU B 155 25.52 -7.49 22.42
C GLU B 155 26.87 -7.99 21.93
N TYR B 156 26.95 -8.51 20.69
CA TYR B 156 28.22 -8.99 20.12
C TYR B 156 29.28 -7.87 20.16
N MET B 157 28.88 -6.66 19.74
CA MET B 157 29.77 -5.51 19.71
C MET B 157 30.13 -4.98 21.10
N ILE B 158 29.17 -4.97 22.04
CA ILE B 158 29.45 -4.51 23.41
C ILE B 158 30.45 -5.46 24.07
N ASN B 159 30.23 -6.78 23.90
CA ASN B 159 31.13 -7.77 24.45
C ASN B 159 32.51 -7.68 23.80
N PHE B 160 32.57 -7.42 22.49
CA PHE B 160 33.84 -7.27 21.77
C PHE B 160 34.63 -6.07 22.34
N ILE B 161 33.95 -4.93 22.55
CA ILE B 161 34.59 -3.74 23.11
C ILE B 161 35.12 -4.03 24.52
N HIS B 162 34.33 -4.70 25.36
CA HIS B 162 34.75 -5.07 26.72
C HIS B 162 35.97 -5.99 26.69
N LYS B 163 36.00 -6.98 25.78
CA LYS B 163 37.15 -7.88 25.66
C LYS B 163 38.41 -7.11 25.26
N LEU B 164 38.28 -6.15 24.32
CA LEU B 164 39.43 -5.37 23.88
C LEU B 164 39.99 -4.56 25.04
N LYS B 165 39.11 -3.93 25.83
CA LYS B 165 39.47 -3.08 26.97
C LYS B 165 40.09 -3.85 28.11
N HIS B 166 39.87 -5.16 28.21
CA HIS B 166 40.53 -5.96 29.25
C HIS B 166 41.98 -6.32 28.87
N LEU B 167 42.41 -6.06 27.62
CA LEU B 167 43.78 -6.37 27.21
C LEU B 167 44.74 -5.32 27.82
N PRO B 168 45.88 -5.78 28.37
CA PRO B 168 46.79 -4.83 29.03
C PRO B 168 47.61 -3.93 28.11
N GLU B 169 47.75 -4.30 26.83
CA GLU B 169 48.56 -3.51 25.90
C GLU B 169 47.82 -3.17 24.63
N LYS B 170 47.98 -1.92 24.15
CA LYS B 170 47.33 -1.44 22.94
C LYS B 170 47.75 -2.20 21.69
N TYR B 171 49.00 -2.73 21.64
CA TYR B 171 49.42 -3.52 20.49
C TYR B 171 48.63 -4.85 20.41
N MET B 172 48.20 -5.42 21.56
CA MET B 172 47.37 -6.63 21.55
C MET B 172 45.98 -6.31 20.98
N MET B 173 45.43 -5.13 21.31
CA MET B 173 44.16 -4.67 20.78
C MET B 173 44.26 -4.51 19.27
N ASN B 174 45.39 -3.97 18.77
CA ASN B 174 45.61 -3.81 17.34
C ASN B 174 45.69 -5.14 16.62
N SER B 175 46.32 -6.15 17.24
CA SER B 175 46.40 -7.51 16.66
C SER B 175 45.01 -8.13 16.51
N VAL B 176 44.14 -7.96 17.51
CA VAL B 176 42.78 -8.47 17.43
C VAL B 176 42.01 -7.68 16.33
N LEU B 177 42.19 -6.37 16.30
CA LEU B 177 41.51 -5.52 15.35
C LEU B 177 41.93 -5.71 13.88
N GLU B 178 43.12 -6.30 13.62
CA GLU B 178 43.60 -6.56 12.26
C GLU B 178 42.61 -7.40 11.48
N ASN B 179 41.89 -8.31 12.16
CA ASN B 179 40.94 -9.17 11.47
C ASN B 179 39.49 -8.84 11.80
N PHE B 180 39.20 -7.60 12.22
CA PHE B 180 37.87 -7.13 12.51
C PHE B 180 37.56 -6.02 11.52
N THR B 181 36.46 -6.14 10.76
CA THR B 181 36.05 -5.10 9.81
C THR B 181 34.54 -4.88 9.86
N ILE B 182 34.12 -3.71 9.42
CA ILE B 182 32.71 -3.40 9.32
C ILE B 182 32.44 -2.91 7.90
N LEU B 183 31.37 -3.41 7.27
CA LEU B 183 31.00 -2.94 5.93
C LEU B 183 29.63 -2.32 6.02
N GLN B 184 29.53 -1.02 5.71
CA GLN B 184 28.25 -0.35 5.72
C GLN B 184 27.78 -0.16 4.28
N VAL B 185 26.60 -0.68 3.93
CA VAL B 185 26.03 -0.56 2.60
C VAL B 185 24.67 0.15 2.70
N VAL B 186 24.54 1.32 2.07
CA VAL B 186 23.28 2.06 2.09
C VAL B 186 22.66 1.88 0.73
N THR B 187 21.43 1.42 0.70
CA THR B 187 20.70 1.23 -0.55
C THR B 187 19.40 2.01 -0.54
N SER B 188 18.83 2.24 -1.73
CA SER B 188 17.50 2.82 -1.83
C SER B 188 16.57 1.62 -1.55
N ARG B 189 15.70 1.71 -0.54
CA ARG B 189 14.86 0.59 -0.16
C ARG B 189 14.05 -0.05 -1.33
N ASP B 190 13.40 0.76 -2.17
CA ASP B 190 12.53 0.22 -3.22
C ASP B 190 13.27 -0.28 -4.47
N SER B 191 14.28 0.44 -4.94
CA SER B 191 15.01 -0.01 -6.13
C SER B 191 16.19 -0.92 -5.82
N GLN B 192 16.66 -0.95 -4.55
CA GLN B 192 17.83 -1.70 -4.10
C GLN B 192 19.14 -1.21 -4.74
N GLU B 193 19.15 0.03 -5.26
CA GLU B 193 20.33 0.65 -5.86
C GLU B 193 21.31 0.97 -4.74
N THR B 194 22.61 0.70 -4.96
CA THR B 194 23.63 1.03 -4.00
C THR B 194 23.86 2.54 -4.00
N LEU B 195 23.66 3.18 -2.84
CA LEU B 195 23.84 4.61 -2.72
C LEU B 195 25.19 4.96 -2.14
N LEU B 196 25.68 4.16 -1.18
CA LEU B 196 26.93 4.47 -0.49
C LEU B 196 27.46 3.21 0.16
N VAL B 197 28.77 2.97 0.05
CA VAL B 197 29.40 1.81 0.65
C VAL B 197 30.64 2.29 1.37
N ILE B 198 30.72 2.01 2.67
CA ILE B 198 31.88 2.39 3.46
C ILE B 198 32.47 1.16 4.11
N ALA B 199 33.74 0.93 3.86
CA ALA B 199 34.48 -0.17 4.47
C ALA B 199 35.24 0.45 5.64
N PHE B 200 35.03 -0.05 6.84
CA PHE B 200 35.68 0.46 8.03
C PHE B 200 36.72 -0.52 8.55
N VAL B 201 37.93 0.00 8.81
CA VAL B 201 39.04 -0.77 9.40
C VAL B 201 39.52 -0.04 10.65
N PHE B 202 40.11 -0.77 11.60
CA PHE B 202 40.39 -0.23 12.92
C PHE B 202 41.73 -0.54 13.55
N GLU B 203 42.17 0.42 14.34
CA GLU B 203 43.28 0.36 15.27
C GLU B 203 42.80 1.12 16.52
N VAL B 204 43.52 0.97 17.62
CA VAL B 204 43.22 1.71 18.83
C VAL B 204 44.09 2.98 18.79
N SER B 205 43.52 4.11 19.22
CA SER B 205 44.27 5.36 19.24
CA SER B 205 44.27 5.36 19.25
C SER B 205 45.21 5.39 20.45
N THR B 206 46.41 5.91 20.24
CA THR B 206 47.44 6.07 21.26
C THR B 206 47.76 7.59 21.48
N SER B 207 47.06 8.49 20.78
CA SER B 207 47.25 9.93 20.81
C SER B 207 46.50 10.60 21.95
N GLU B 208 47.01 11.78 22.36
CA GLU B 208 46.36 12.60 23.39
C GLU B 208 45.10 13.29 22.82
N HIS B 209 45.04 13.51 21.49
CA HIS B 209 43.90 14.11 20.80
C HIS B 209 42.68 13.15 20.69
N GLY B 210 42.83 11.89 21.09
CA GLY B 210 41.77 10.90 21.06
C GLY B 210 41.57 10.21 19.74
N ALA B 211 40.31 9.85 19.45
CA ALA B 211 39.89 9.15 18.27
C ALA B 211 40.26 9.92 16.99
N GLN B 212 40.73 9.21 15.98
CA GLN B 212 41.08 9.81 14.70
C GLN B 212 40.48 8.97 13.56
N HIS B 213 40.47 9.53 12.36
CA HIS B 213 40.01 8.82 11.18
C HIS B 213 40.70 9.34 9.93
N HIS B 214 40.71 8.53 8.86
CA HIS B 214 41.25 8.94 7.57
C HIS B 214 40.33 8.34 6.51
N VAL B 215 39.88 9.17 5.56
CA VAL B 215 38.99 8.75 4.49
C VAL B 215 39.76 8.57 3.17
N TYR B 216 39.45 7.51 2.43
CA TYR B 216 40.05 7.24 1.13
C TYR B 216 38.92 6.91 0.16
N LYS B 217 39.12 7.21 -1.11
CA LYS B 217 38.17 6.86 -2.15
C LYS B 217 38.60 5.49 -2.68
N LEU B 218 37.67 4.53 -2.80
CA LEU B 218 38.03 3.21 -3.33
C LEU B 218 37.94 3.23 -4.85
N VAL B 219 39.01 2.81 -5.50
CA VAL B 219 39.09 2.78 -6.95
C VAL B 219 39.48 1.36 -7.43
N LYS B 220 39.50 1.11 -8.74
CA LYS B 220 39.92 -0.16 -9.31
C LYS B 220 40.60 0.16 -10.64
N ASP B 221 41.95 0.07 -10.72
CA ASP B 221 42.75 0.41 -11.91
C ASP B 221 42.85 1.93 -12.11
N ARG C 4 7.68 9.44 -19.60
CA ARG C 4 7.66 10.85 -19.21
C ARG C 4 6.74 11.13 -18.00
N THR C 5 7.03 12.21 -17.28
CA THR C 5 6.37 12.61 -16.04
C THR C 5 5.04 13.38 -16.18
N ILE C 6 4.03 12.90 -15.44
CA ILE C 6 2.76 13.59 -15.41
C ILE C 6 2.69 14.33 -14.10
N ALA C 7 2.79 15.66 -14.14
CA ALA C 7 2.70 16.45 -12.94
C ALA C 7 2.19 17.83 -13.24
N SER C 8 1.21 18.29 -12.47
CA SER C 8 0.75 19.68 -12.54
C SER C 8 1.63 20.44 -11.50
N SER C 9 1.34 21.72 -11.22
CA SER C 9 2.09 22.44 -10.19
C SER C 9 1.66 21.99 -8.76
N ARG C 10 0.57 21.20 -8.64
CA ARG C 10 0.07 20.79 -7.33
C ARG C 10 0.07 19.28 -7.09
N LEU C 11 0.13 18.46 -8.15
CA LEU C 11 0.05 17.01 -7.97
C LEU C 11 0.82 16.27 -9.02
N ARG C 12 1.52 15.23 -8.60
CA ARG C 12 2.32 14.41 -9.49
C ARG C 12 1.75 12.98 -9.54
N LEU C 13 1.60 12.42 -10.74
CA LEU C 13 1.16 11.05 -10.90
C LEU C 13 2.46 10.24 -10.86
N LEU C 14 2.61 9.38 -9.86
CA LEU C 14 3.81 8.55 -9.72
C LEU C 14 3.68 7.26 -10.52
N GLU C 15 2.49 6.65 -10.50
CA GLU C 15 2.28 5.37 -11.14
C GLU C 15 0.83 5.17 -11.48
N TYR C 16 0.58 4.41 -12.55
CA TYR C 16 -0.77 4.03 -12.93
C TYR C 16 -0.68 2.68 -13.63
N SER C 17 -1.41 1.67 -13.17
CA SER C 17 -1.38 0.36 -13.81
C SER C 17 -2.75 -0.25 -13.79
N ALA C 18 -3.14 -0.89 -14.88
CA ALA C 18 -4.40 -1.65 -14.97
C ALA C 18 -3.94 -3.06 -15.31
N PHE C 19 -4.48 -4.04 -14.58
CA PHE C 19 -3.98 -5.39 -14.69
C PHE C 19 -5.01 -6.45 -14.35
N MET C 20 -4.66 -7.70 -14.66
CA MET C 20 -5.43 -8.85 -14.22
C MET C 20 -4.47 -9.82 -13.53
N GLU C 21 -4.93 -10.39 -12.43
CA GLU C 21 -4.19 -11.32 -11.62
C GLU C 21 -4.90 -12.68 -11.58
N VAL C 22 -4.13 -13.75 -11.75
CA VAL C 22 -4.64 -15.11 -11.74
C VAL C 22 -3.90 -15.94 -10.68
N GLN C 23 -4.64 -16.77 -9.93
CA GLN C 23 -4.04 -17.67 -8.94
C GLN C 23 -3.81 -19.02 -9.63
N ARG C 24 -2.55 -19.42 -9.86
CA ARG C 24 -2.24 -20.70 -10.52
C ARG C 24 -2.41 -21.90 -9.57
N ASP C 25 -1.94 -21.75 -8.31
CA ASP C 25 -2.05 -22.68 -7.17
C ASP C 25 -2.17 -21.81 -5.87
N PRO C 26 -2.36 -22.38 -4.64
CA PRO C 26 -2.55 -21.51 -3.46
C PRO C 26 -1.39 -20.54 -3.18
N ASP C 27 -0.17 -20.86 -3.65
CA ASP C 27 0.96 -19.95 -3.40
C ASP C 27 1.51 -19.24 -4.62
N THR C 28 0.87 -19.37 -5.77
CA THR C 28 1.41 -18.79 -7.00
C THR C 28 0.43 -17.89 -7.71
N TYR C 29 0.87 -16.67 -7.99
CA TYR C 29 0.02 -15.69 -8.63
C TYR C 29 0.71 -15.13 -9.87
N SER C 30 -0.04 -14.95 -10.95
CA SER C 30 0.49 -14.37 -12.16
C SER C 30 -0.26 -13.07 -12.40
N LYS C 31 0.45 -12.06 -12.85
CA LYS C 31 -0.12 -10.77 -13.12
C LYS C 31 0.18 -10.35 -14.56
N HIS C 32 -0.83 -9.87 -15.26
CA HIS C 32 -0.70 -9.40 -16.63
C HIS C 32 -1.10 -7.92 -16.62
N LEU C 33 -0.20 -7.05 -17.07
CA LEU C 33 -0.46 -5.64 -17.16
C LEU C 33 -1.10 -5.32 -18.53
N PHE C 34 -2.25 -4.65 -18.52
CA PHE C 34 -2.89 -4.20 -19.76
C PHE C 34 -2.19 -2.90 -20.17
N VAL C 35 -2.04 -1.96 -19.23
CA VAL C 35 -1.39 -0.66 -19.42
C VAL C 35 -0.59 -0.33 -18.14
N HIS C 36 0.50 0.44 -18.28
N HIS C 36 0.43 0.49 -18.28
CA HIS C 36 1.34 0.80 -17.14
CA HIS C 36 1.27 0.85 -17.15
C HIS C 36 2.20 2.05 -17.35
C HIS C 36 1.98 2.16 -17.43
N ILE C 37 2.15 2.97 -16.39
CA ILE C 37 2.93 4.19 -16.40
C ILE C 37 3.72 4.05 -15.12
N GLY C 38 5.02 3.77 -15.24
CA GLY C 38 5.86 3.54 -14.07
C GLY C 38 6.61 4.76 -13.62
N GLN C 39 7.30 4.66 -12.47
CA GLN C 39 8.11 5.78 -11.97
C GLN C 39 9.42 5.81 -12.72
N ASP C 46 13.10 14.52 -14.97
CA ASP C 46 11.94 14.45 -15.85
C ASP C 46 12.30 14.94 -17.27
N PRO C 47 12.14 14.06 -18.28
CA PRO C 47 12.39 14.49 -19.67
C PRO C 47 11.27 15.39 -20.18
N PRO C 48 11.54 16.30 -21.13
CA PRO C 48 10.48 17.21 -21.61
C PRO C 48 9.35 16.50 -22.38
N LEU C 49 8.15 17.10 -22.36
CA LEU C 49 6.99 16.56 -23.03
C LEU C 49 6.64 17.29 -24.29
N GLU C 50 6.19 16.57 -25.32
CA GLU C 50 5.64 17.19 -26.52
C GLU C 50 4.25 17.74 -26.17
N ALA C 51 3.86 18.87 -26.80
CA ALA C 51 2.56 19.49 -26.56
C ALA C 51 1.57 19.11 -27.66
N VAL C 52 0.30 19.06 -27.29
CA VAL C 52 -0.79 18.75 -28.20
C VAL C 52 -1.87 19.80 -27.93
N ASP C 53 -2.33 20.49 -28.97
CA ASP C 53 -3.42 21.46 -28.81
C ASP C 53 -4.69 20.68 -28.46
N VAL C 54 -5.32 21.04 -27.35
CA VAL C 54 -6.52 20.37 -26.81
C VAL C 54 -7.69 20.37 -27.82
N ARG C 55 -7.72 21.34 -28.76
CA ARG C 55 -8.75 21.37 -29.80
C ARG C 55 -8.61 20.20 -30.80
N GLN C 56 -7.41 19.60 -30.91
CA GLN C 56 -7.19 18.42 -31.75
C GLN C 56 -7.85 17.16 -31.20
N ILE C 57 -8.26 17.15 -29.91
CA ILE C 57 -8.91 15.98 -29.34
C ILE C 57 -10.37 16.22 -28.87
N TYR C 58 -10.83 17.49 -28.86
CA TYR C 58 -12.20 17.83 -28.45
C TYR C 58 -13.30 17.01 -29.11
N ASP C 59 -13.17 16.74 -30.42
CA ASP C 59 -14.20 15.94 -31.12
C ASP C 59 -14.40 14.52 -30.56
N LYS C 60 -13.38 13.96 -29.89
CA LYS C 60 -13.49 12.63 -29.27
C LYS C 60 -13.95 12.64 -27.80
N PHE C 61 -14.17 13.82 -27.24
CA PHE C 61 -14.63 13.97 -25.87
C PHE C 61 -15.82 14.96 -25.99
N PRO C 62 -16.95 14.54 -26.62
CA PRO C 62 -18.07 15.48 -26.81
C PRO C 62 -18.82 15.80 -25.50
N GLU C 63 -18.75 14.90 -24.49
CA GLU C 63 -19.41 15.02 -23.18
C GLU C 63 -19.19 16.43 -22.59
N LYS C 64 -20.29 17.18 -22.42
CA LYS C 64 -20.22 18.58 -22.00
C LYS C 64 -20.03 18.79 -20.49
N LYS C 65 -21.06 18.57 -19.65
CA LYS C 65 -20.97 18.80 -18.20
C LYS C 65 -19.91 17.96 -17.53
N GLY C 66 -18.94 18.63 -16.93
CA GLY C 66 -17.79 17.98 -16.31
C GLY C 66 -16.81 17.38 -17.31
N GLY C 67 -16.98 17.69 -18.59
CA GLY C 67 -16.13 17.16 -19.64
C GLY C 67 -14.84 17.90 -19.83
N LEU C 68 -14.04 17.46 -20.81
CA LEU C 68 -12.71 18.01 -21.12
C LEU C 68 -12.66 19.51 -21.42
N LYS C 69 -13.41 20.04 -22.43
CA LYS C 69 -13.41 21.46 -22.79
C LYS C 69 -13.81 22.34 -21.60
N GLU C 70 -14.85 21.95 -20.87
CA GLU C 70 -15.35 22.70 -19.70
C GLU C 70 -14.29 22.79 -18.60
N LEU C 71 -13.64 21.66 -18.31
CA LEU C 71 -12.59 21.63 -17.31
C LEU C 71 -11.38 22.42 -17.76
N TYR C 72 -10.99 22.30 -19.04
CA TYR C 72 -9.83 23.01 -19.57
C TYR C 72 -10.02 24.52 -19.46
N GLU C 73 -11.23 25.00 -19.81
CA GLU C 73 -11.58 26.42 -19.72
C GLU C 73 -11.53 26.95 -18.30
N LYS C 74 -11.91 26.13 -17.32
CA LYS C 74 -11.86 26.47 -15.90
C LYS C 74 -10.39 26.54 -15.41
N GLY C 75 -9.52 25.68 -15.95
CA GLY C 75 -8.10 25.70 -15.64
C GLY C 75 -7.72 24.99 -14.34
N PRO C 76 -6.44 25.03 -13.94
CA PRO C 76 -5.29 25.69 -14.61
C PRO C 76 -4.76 24.87 -15.78
N PRO C 77 -4.25 25.53 -16.82
CA PRO C 77 -3.76 24.79 -18.01
C PRO C 77 -2.65 23.77 -17.72
N ASN C 78 -1.76 24.06 -16.73
CA ASN C 78 -0.68 23.18 -16.33
C ASN C 78 -1.14 21.79 -15.82
N ALA C 79 -2.44 21.60 -15.53
CA ALA C 79 -2.94 20.33 -14.96
C ALA C 79 -3.36 19.28 -16.00
N PHE C 80 -3.38 19.64 -17.31
CA PHE C 80 -3.95 18.80 -18.36
C PHE C 80 -2.96 18.01 -19.20
N PHE C 81 -3.22 16.70 -19.28
CA PHE C 81 -2.35 15.78 -20.02
C PHE C 81 -3.16 14.82 -20.87
N LEU C 82 -2.54 14.32 -21.93
CA LEU C 82 -3.12 13.32 -22.82
C LEU C 82 -2.17 12.12 -22.75
N VAL C 83 -2.72 10.94 -22.57
CA VAL C 83 -1.93 9.72 -22.60
C VAL C 83 -2.48 8.81 -23.68
N LYS C 84 -1.63 8.41 -24.62
CA LYS C 84 -2.01 7.43 -25.62
C LYS C 84 -1.52 6.09 -25.06
N PHE C 85 -2.40 5.08 -25.03
CA PHE C 85 -2.02 3.76 -24.57
C PHE C 85 -2.10 2.77 -25.71
N TRP C 86 -1.17 1.82 -25.76
CA TRP C 86 -1.23 0.69 -26.68
C TRP C 86 -1.34 -0.45 -25.68
N ALA C 87 -2.58 -0.88 -25.39
CA ALA C 87 -2.85 -1.88 -24.37
C ALA C 87 -2.46 -3.30 -24.80
N ASP C 88 -1.90 -4.07 -23.86
CA ASP C 88 -1.55 -5.44 -24.14
C ASP C 88 -2.76 -6.30 -23.77
N LEU C 89 -3.44 -6.82 -24.79
CA LEU C 89 -4.59 -7.68 -24.58
C LEU C 89 -4.28 -9.15 -24.94
N ASN C 90 -3.00 -9.54 -24.99
CA ASN C 90 -2.63 -10.91 -25.33
C ASN C 90 -2.85 -11.84 -24.15
N GLU C 95 -6.69 -17.82 -17.67
CA GLU C 95 -7.45 -16.98 -16.76
C GLU C 95 -8.30 -17.79 -15.76
N GLY C 96 -9.25 -18.57 -16.26
CA GLY C 96 -10.13 -19.35 -15.40
C GLY C 96 -11.29 -18.54 -14.85
N PRO C 97 -12.05 -19.13 -13.90
CA PRO C 97 -12.82 -18.30 -12.97
C PRO C 97 -11.98 -17.76 -11.82
N GLY C 98 -12.43 -16.65 -11.24
CA GLY C 98 -11.80 -16.04 -10.10
C GLY C 98 -10.72 -15.00 -10.38
N ALA C 99 -10.49 -14.65 -11.67
CA ALA C 99 -9.44 -13.68 -12.00
C ALA C 99 -9.75 -12.28 -11.47
N PHE C 100 -8.76 -11.65 -10.85
CA PHE C 100 -8.93 -10.31 -10.33
C PHE C 100 -8.52 -9.25 -11.36
N TYR C 101 -9.40 -8.28 -11.66
CA TYR C 101 -9.09 -7.18 -12.57
C TYR C 101 -9.04 -5.93 -11.71
N GLY C 102 -7.93 -5.20 -11.75
CA GLY C 102 -7.77 -4.02 -10.92
C GLY C 102 -6.93 -2.91 -11.50
N VAL C 103 -6.90 -1.79 -10.76
CA VAL C 103 -6.15 -0.60 -11.11
C VAL C 103 -5.43 -0.11 -9.87
N SER C 104 -4.14 0.16 -9.99
CA SER C 104 -3.36 0.71 -8.89
C SER C 104 -2.74 2.02 -9.35
N SER C 105 -2.76 3.03 -8.48
CA SER C 105 -2.16 4.30 -8.81
C SER C 105 -1.62 5.00 -7.59
N GLN C 106 -0.66 5.88 -7.81
CA GLN C 106 -0.01 6.61 -6.75
C GLN C 106 0.21 8.02 -7.19
N TYR C 107 0.06 8.96 -6.27
CA TYR C 107 0.27 10.37 -6.51
C TYR C 107 1.08 10.95 -5.37
N SER C 108 1.65 12.13 -5.59
CA SER C 108 2.36 12.86 -4.56
C SER C 108 2.17 14.35 -4.72
N SER C 109 2.27 15.06 -3.61
CA SER C 109 2.18 16.51 -3.61
C SER C 109 3.13 17.05 -2.55
N ALA C 110 3.45 18.34 -2.63
CA ALA C 110 4.27 19.00 -1.61
C ALA C 110 3.40 19.39 -0.38
N ASP C 111 2.09 19.58 -0.58
CA ASP C 111 1.13 20.03 0.43
C ASP C 111 0.21 18.91 0.87
N SER C 112 -0.29 18.99 2.10
CA SER C 112 -1.23 18.00 2.62
C SER C 112 -2.65 18.32 2.11
N MET C 113 -3.24 17.41 1.33
CA MET C 113 -4.61 17.58 0.79
C MET C 113 -5.46 16.32 0.91
N THR C 114 -6.78 16.45 0.86
CA THR C 114 -7.64 15.30 0.67
C THR C 114 -8.05 15.39 -0.80
N ILE C 115 -7.76 14.36 -1.59
CA ILE C 115 -8.06 14.41 -3.02
C ILE C 115 -9.25 13.52 -3.36
N SER C 116 -9.91 13.85 -4.45
CA SER C 116 -11.01 13.08 -4.97
C SER C 116 -10.65 12.73 -6.41
N VAL C 117 -10.60 11.43 -6.71
CA VAL C 117 -10.25 10.94 -8.04
C VAL C 117 -11.51 10.44 -8.74
N SER C 118 -11.90 11.13 -9.80
CA SER C 118 -13.04 10.70 -10.59
C SER C 118 -12.51 10.08 -11.90
N THR C 119 -12.97 8.89 -12.23
CA THR C 119 -12.57 8.22 -13.46
C THR C 119 -13.85 8.03 -14.26
N LYS C 120 -13.97 8.75 -15.38
CA LYS C 120 -15.14 8.68 -16.24
C LYS C 120 -14.83 7.85 -17.50
N VAL C 121 -15.64 6.84 -17.76
CA VAL C 121 -15.48 5.97 -18.90
C VAL C 121 -16.54 6.38 -19.92
N CYS C 122 -16.11 6.71 -21.15
CA CYS C 122 -16.98 7.16 -22.23
C CYS C 122 -16.92 6.22 -23.40
N SER C 123 -18.08 5.84 -23.88
CA SER C 123 -18.19 4.87 -24.94
C SER C 123 -19.16 5.44 -25.95
N PHE C 124 -18.70 5.63 -27.20
CA PHE C 124 -19.50 6.20 -28.30
C PHE C 124 -20.01 7.58 -27.95
N GLY C 125 -19.15 8.39 -27.37
CA GLY C 125 -19.48 9.75 -27.01
C GLY C 125 -20.31 9.95 -25.76
N LYS C 126 -20.69 8.85 -25.05
CA LYS C 126 -21.50 8.98 -23.85
C LYS C 126 -20.75 8.53 -22.58
N GLN C 127 -20.88 9.26 -21.44
CA GLN C 127 -20.29 8.79 -20.17
C GLN C 127 -21.14 7.60 -19.71
N VAL C 128 -20.57 6.42 -19.61
CA VAL C 128 -21.31 5.22 -19.20
C VAL C 128 -21.00 4.81 -17.79
N VAL C 129 -19.77 5.10 -17.30
CA VAL C 129 -19.40 4.74 -15.95
C VAL C 129 -18.65 5.88 -15.34
N GLU C 130 -18.88 6.09 -14.06
CA GLU C 130 -18.02 6.96 -13.31
C GLU C 130 -17.68 6.31 -11.99
N VAL C 132 -15.60 7.09 -8.36
CA VAL C 132 -15.09 8.18 -7.54
C VAL C 132 -14.43 7.58 -6.30
N GLU C 133 -13.17 7.95 -6.05
CA GLU C 133 -12.43 7.49 -4.88
C GLU C 133 -11.85 8.69 -4.14
N THR C 134 -11.96 8.73 -2.81
CA THR C 134 -11.40 9.82 -2.02
C THR C 134 -10.14 9.31 -1.33
N GLU C 135 -9.05 10.10 -1.33
CA GLU C 135 -7.81 9.64 -0.68
C GLU C 135 -7.18 10.74 0.19
N TYR C 136 -6.70 10.34 1.35
CA TYR C 136 -6.14 11.19 2.36
C TYR C 136 -4.63 11.11 2.28
N ALA C 137 -4.00 12.29 2.34
CA ALA C 137 -2.55 12.45 2.27
C ALA C 137 -1.85 11.68 3.36
N ARG C 138 -0.71 11.09 3.02
CA ARG C 138 0.13 10.43 4.00
C ARG C 138 1.50 11.10 3.90
N LEU C 139 2.05 11.58 5.02
CA LEU C 139 3.40 12.15 5.03
C LEU C 139 4.40 11.02 4.82
N GLU C 140 5.23 11.11 3.77
CA GLU C 140 6.25 10.11 3.51
C GLU C 140 7.46 10.77 2.85
N ASN C 141 8.64 10.67 3.48
CA ASN C 141 9.87 11.23 2.94
C ASN C 141 9.77 12.73 2.62
N GLY C 142 9.13 13.49 3.50
CA GLY C 142 9.00 14.93 3.31
C GLY C 142 7.95 15.37 2.31
N ARG C 143 7.27 14.43 1.66
CA ARG C 143 6.21 14.73 0.70
C ARG C 143 4.91 14.04 1.12
N PHE C 144 3.80 14.30 0.44
CA PHE C 144 2.53 13.69 0.77
C PHE C 144 2.17 12.73 -0.33
N VAL C 145 1.93 11.46 0.01
CA VAL C 145 1.63 10.43 -0.98
C VAL C 145 0.18 9.94 -0.85
N TYR C 146 -0.40 9.59 -1.97
CA TYR C 146 -1.78 9.12 -2.04
C TYR C 146 -1.68 7.81 -2.81
N ARG C 147 -2.07 6.72 -2.20
CA ARG C 147 -2.01 5.41 -2.85
C ARG C 147 -3.38 4.80 -2.99
N ILE C 148 -3.80 4.51 -4.22
CA ILE C 148 -5.06 3.83 -4.47
C ILE C 148 -4.63 2.46 -4.98
N HIS C 149 -4.61 1.51 -4.09
CA HIS C 149 -4.09 0.18 -4.36
C HIS C 149 -5.16 -0.85 -4.72
N ARG C 150 -4.98 -1.54 -5.85
CA ARG C 150 -5.86 -2.63 -6.28
C ARG C 150 -7.35 -2.27 -6.26
N SER C 151 -7.70 -1.14 -6.85
CA SER C 151 -9.08 -0.71 -6.98
C SER C 151 -9.75 -1.66 -8.00
N PRO C 152 -10.75 -2.46 -7.60
CA PRO C 152 -11.35 -3.42 -8.54
C PRO C 152 -11.97 -2.75 -9.75
N MET C 153 -11.76 -3.31 -10.95
CA MET C 153 -12.43 -2.77 -12.14
C MET C 153 -13.90 -3.15 -12.04
N CYS C 154 -14.77 -2.26 -12.53
CA CYS C 154 -16.19 -2.57 -12.56
C CYS C 154 -16.41 -3.63 -13.67
N GLU C 155 -17.51 -4.37 -13.55
CA GLU C 155 -17.89 -5.40 -14.52
C GLU C 155 -17.98 -4.86 -15.93
N TYR C 156 -18.40 -3.60 -16.12
CA TYR C 156 -18.49 -3.00 -17.45
C TYR C 156 -17.11 -3.08 -18.16
N MET C 157 -16.04 -2.72 -17.45
CA MET C 157 -14.69 -2.75 -17.97
C MET C 157 -14.16 -4.16 -18.22
N ILE C 158 -14.46 -5.10 -17.33
CA ILE C 158 -14.02 -6.49 -17.49
C ILE C 158 -14.69 -7.08 -18.74
N ASN C 159 -16.01 -6.84 -18.88
CA ASN C 159 -16.75 -7.33 -20.04
C ASN C 159 -16.28 -6.65 -21.34
N PHE C 160 -15.91 -5.37 -21.28
CA PHE C 160 -15.39 -4.65 -22.44
C PHE C 160 -14.06 -5.28 -22.89
N ILE C 161 -13.15 -5.57 -21.95
CA ILE C 161 -11.86 -6.20 -22.24
C ILE C 161 -12.09 -7.60 -22.88
N HIS C 162 -13.02 -8.39 -22.31
CA HIS C 162 -13.36 -9.71 -22.85
C HIS C 162 -13.92 -9.60 -24.28
N LYS C 163 -14.81 -8.64 -24.54
CA LYS C 163 -15.36 -8.45 -25.87
C LYS C 163 -14.25 -8.08 -26.87
N LEU C 164 -13.30 -7.20 -26.49
CA LEU C 164 -12.22 -6.82 -27.39
C LEU C 164 -11.37 -8.05 -27.74
N LYS C 165 -11.02 -8.86 -26.72
CA LYS C 165 -10.20 -10.07 -26.90
C LYS C 165 -10.83 -11.13 -27.78
N HIS C 166 -12.17 -11.16 -27.86
CA HIS C 166 -12.87 -12.11 -28.72
C HIS C 166 -12.92 -11.68 -30.18
N LEU C 167 -12.49 -10.44 -30.51
CA LEU C 167 -12.51 -9.98 -31.90
C LEU C 167 -11.38 -10.68 -32.65
N PRO C 168 -11.66 -11.16 -33.88
CA PRO C 168 -10.61 -11.90 -34.63
C PRO C 168 -9.45 -11.07 -35.15
N GLU C 169 -9.64 -9.75 -35.31
CA GLU C 169 -8.57 -8.90 -35.85
C GLU C 169 -8.27 -7.69 -34.97
N LYS C 170 -6.97 -7.35 -34.78
CA LYS C 170 -6.58 -6.21 -33.96
C LYS C 170 -7.05 -4.87 -34.56
N TYR C 171 -7.28 -4.79 -35.89
CA TYR C 171 -7.81 -3.55 -36.47
C TYR C 171 -9.26 -3.31 -36.03
N MET C 172 -10.05 -4.39 -35.81
CA MET C 172 -11.43 -4.24 -35.30
C MET C 172 -11.40 -3.73 -33.86
N MET C 173 -10.40 -4.15 -33.09
CA MET C 173 -10.23 -3.68 -31.72
C MET C 173 -9.93 -2.19 -31.73
N ASN C 174 -9.03 -1.73 -32.63
CA ASN C 174 -8.70 -0.32 -32.79
C ASN C 174 -9.88 0.54 -33.23
N SER C 175 -10.77 -0.01 -34.07
CA SER C 175 -11.98 0.71 -34.52
C SER C 175 -12.94 0.91 -33.35
N VAL C 176 -13.20 -0.14 -32.53
CA VAL C 176 -14.04 -0.02 -31.33
C VAL C 176 -13.36 0.96 -30.35
N LEU C 177 -12.03 0.89 -30.22
CA LEU C 177 -11.28 1.74 -29.29
C LEU C 177 -11.21 3.22 -29.68
N GLU C 178 -11.48 3.57 -30.96
CA GLU C 178 -11.54 4.97 -31.40
C GLU C 178 -12.64 5.77 -30.68
N ASN C 179 -13.70 5.09 -30.28
CA ASN C 179 -14.90 5.56 -29.61
C ASN C 179 -14.86 5.35 -28.09
N PHE C 180 -13.71 4.96 -27.53
CA PHE C 180 -13.60 4.71 -26.10
C PHE C 180 -12.57 5.64 -25.51
N THR C 181 -12.95 6.43 -24.51
CA THR C 181 -12.02 7.32 -23.84
C THR C 181 -12.26 7.23 -22.33
N ILE C 182 -11.21 7.55 -21.60
CA ILE C 182 -11.31 7.65 -20.16
C ILE C 182 -10.82 9.04 -19.76
N LEU C 183 -11.56 9.72 -18.90
CA LEU C 183 -11.13 11.02 -18.40
C LEU C 183 -10.94 10.87 -16.89
N GLN C 184 -9.71 11.07 -16.42
CA GLN C 184 -9.41 11.03 -14.99
C GLN C 184 -9.27 12.46 -14.47
N VAL C 185 -10.11 12.85 -13.51
CA VAL C 185 -10.08 14.20 -12.95
C VAL C 185 -9.79 14.12 -11.46
N VAL C 186 -8.65 14.67 -11.03
CA VAL C 186 -8.30 14.69 -9.63
C VAL C 186 -8.52 16.11 -9.12
N THR C 187 -9.32 16.23 -8.07
CA THR C 187 -9.61 17.51 -7.47
C THR C 187 -9.26 17.51 -6.00
N SER C 188 -9.08 18.70 -5.40
CA SER C 188 -8.91 18.85 -3.95
C SER C 188 -10.36 18.74 -3.43
N ARG C 189 -10.65 17.75 -2.58
CA ARG C 189 -12.01 17.41 -2.15
C ARG C 189 -12.89 18.59 -1.67
N ASP C 190 -12.41 19.43 -0.76
CA ASP C 190 -13.24 20.49 -0.19
C ASP C 190 -13.43 21.72 -1.09
N SER C 191 -12.37 22.17 -1.77
CA SER C 191 -12.48 23.34 -2.66
C SER C 191 -12.94 23.00 -4.08
N GLN C 192 -12.84 21.73 -4.49
CA GLN C 192 -13.15 21.26 -5.83
C GLN C 192 -12.19 21.85 -6.90
N GLU C 193 -11.00 22.33 -6.49
CA GLU C 193 -9.96 22.86 -7.38
C GLU C 193 -9.40 21.68 -8.20
N THR C 194 -9.25 21.89 -9.52
CA THR C 194 -8.69 20.86 -10.37
C THR C 194 -7.19 20.75 -10.14
N LEU C 195 -6.71 19.57 -9.76
CA LEU C 195 -5.29 19.33 -9.51
C LEU C 195 -4.62 18.66 -10.69
N LEU C 196 -5.34 17.74 -11.37
CA LEU C 196 -4.75 16.97 -12.45
C LEU C 196 -5.86 16.38 -13.31
N VAL C 197 -5.73 16.49 -14.62
CA VAL C 197 -6.70 15.91 -15.54
C VAL C 197 -5.91 15.13 -16.58
N ILE C 198 -6.25 13.86 -16.76
CA ILE C 198 -5.61 13.04 -17.77
C ILE C 198 -6.67 12.46 -18.70
N ALA C 199 -6.53 12.71 -20.00
CA ALA C 199 -7.38 12.16 -21.04
C ALA C 199 -6.63 10.93 -21.54
N PHE C 200 -7.27 9.76 -21.46
CA PHE C 200 -6.66 8.52 -21.91
C PHE C 200 -7.35 8.06 -23.19
N VAL C 201 -6.54 7.72 -24.20
CA VAL C 201 -7.01 7.19 -25.48
C VAL C 201 -6.26 5.88 -25.74
N PHE C 202 -6.88 4.99 -26.53
CA PHE C 202 -6.39 3.63 -26.66
C PHE C 202 -6.35 3.01 -28.04
N GLU C 203 -5.38 2.13 -28.20
CA GLU C 203 -5.19 1.20 -29.29
C GLU C 203 -4.72 -0.11 -28.62
N VAL C 204 -4.76 -1.20 -29.37
CA VAL C 204 -4.23 -2.47 -28.89
C VAL C 204 -2.80 -2.55 -29.40
N SER C 205 -1.90 -3.05 -28.57
CA SER C 205 -0.51 -3.20 -28.94
C SER C 205 -0.33 -4.42 -29.83
N THR C 206 0.52 -4.27 -30.84
CA THR C 206 0.88 -5.35 -31.77
C THR C 206 2.39 -5.71 -31.66
N SER C 207 3.14 -5.03 -30.75
CA SER C 207 4.57 -5.15 -30.53
C SER C 207 4.95 -6.33 -29.66
N GLU C 208 6.18 -6.83 -29.82
CA GLU C 208 6.72 -7.91 -28.99
C GLU C 208 7.09 -7.38 -27.58
N HIS C 209 7.37 -6.07 -27.46
CA HIS C 209 7.70 -5.39 -26.20
C HIS C 209 6.48 -5.19 -25.26
N GLY C 210 5.28 -5.50 -25.74
CA GLY C 210 4.07 -5.38 -24.94
C GLY C 210 3.40 -4.03 -24.94
N ALA C 211 2.83 -3.66 -23.79
CA ALA C 211 2.11 -2.42 -23.59
C ALA C 211 3.03 -1.23 -23.72
N GLN C 212 2.54 -0.20 -24.39
CA GLN C 212 3.29 1.02 -24.59
C GLN C 212 2.42 2.22 -24.23
N HIS C 213 3.05 3.38 -24.05
CA HIS C 213 2.34 4.61 -23.77
C HIS C 213 3.13 5.81 -24.27
N HIS C 214 2.44 6.92 -24.50
CA HIS C 214 3.09 8.17 -24.87
C HIS C 214 2.34 9.28 -24.16
N VAL C 215 3.06 10.14 -23.44
CA VAL C 215 2.47 11.25 -22.70
C VAL C 215 2.66 12.56 -23.45
N TYR C 216 1.61 13.39 -23.47
CA TYR C 216 1.65 14.71 -24.09
C TYR C 216 1.06 15.71 -23.12
N LYS C 217 1.53 16.93 -23.19
CA LYS C 217 0.98 18.02 -22.39
C LYS C 217 -0.13 18.66 -23.24
N LEU C 218 -1.31 18.93 -22.66
CA LEU C 218 -2.38 19.57 -23.42
C LEU C 218 -2.28 21.08 -23.32
N VAL C 219 -2.21 21.75 -24.45
CA VAL C 219 -2.07 23.20 -24.52
C VAL C 219 -3.22 23.81 -25.36
N LYS C 220 -3.33 25.14 -25.42
CA LYS C 220 -4.35 25.80 -26.24
C LYS C 220 -3.68 27.04 -26.82
N ASP C 221 -3.29 26.95 -28.11
CA ASP C 221 -2.58 28.01 -28.86
C ASP C 221 -1.14 28.16 -28.39
N THR D 5 -6.65 -13.44 14.74
CA THR D 5 -5.87 -14.43 15.47
C THR D 5 -4.74 -13.81 16.28
N ILE D 6 -3.83 -13.06 15.64
CA ILE D 6 -2.70 -12.50 16.36
C ILE D 6 -2.94 -11.07 16.74
N ALA D 7 -3.28 -10.82 17.99
CA ALA D 7 -3.55 -9.50 18.47
C ALA D 7 -3.30 -9.42 19.95
N SER D 8 -2.58 -8.40 20.38
CA SER D 8 -2.41 -8.10 21.79
C SER D 8 -3.58 -7.12 22.14
N SER D 9 -3.60 -6.53 23.34
CA SER D 9 -4.64 -5.54 23.65
C SER D 9 -4.34 -4.19 22.96
N ARG D 10 -3.14 -4.01 22.35
CA ARG D 10 -2.76 -2.75 21.74
C ARG D 10 -2.49 -2.82 20.24
N LEU D 11 -2.25 -4.01 19.69
CA LEU D 11 -1.89 -4.11 18.27
C LEU D 11 -2.33 -5.42 17.67
N ARG D 12 -2.84 -5.37 16.46
CA ARG D 12 -3.32 -6.53 15.75
C ARG D 12 -2.48 -6.74 14.48
N LEU D 13 -2.03 -7.97 14.24
CA LEU D 13 -1.33 -8.30 13.01
C LEU D 13 -2.43 -8.65 12.01
N LEU D 14 -2.56 -7.88 10.94
CA LEU D 14 -3.59 -8.14 9.93
C LEU D 14 -3.09 -9.12 8.88
N GLU D 15 -1.84 -8.96 8.46
CA GLU D 15 -1.29 -9.76 7.39
C GLU D 15 0.21 -9.86 7.49
N TYR D 16 0.76 -10.96 7.02
CA TYR D 16 2.19 -11.16 6.98
C TYR D 16 2.47 -12.13 5.83
N SER D 17 3.36 -11.76 4.90
CA SER D 17 3.70 -12.68 3.82
C SER D 17 5.11 -12.48 3.34
N ALA D 18 5.78 -13.57 3.05
CA ALA D 18 7.14 -13.55 2.54
C ALA D 18 7.05 -14.20 1.18
N PHE D 19 7.68 -13.59 0.16
CA PHE D 19 7.50 -14.04 -1.19
C PHE D 19 8.67 -13.73 -2.11
N MET D 20 8.65 -14.35 -3.30
CA MET D 20 9.57 -14.02 -4.36
C MET D 20 8.75 -13.65 -5.59
N GLU D 21 9.21 -12.63 -6.32
CA GLU D 21 8.51 -12.12 -7.47
C GLU D 21 9.45 -12.07 -8.67
N VAL D 22 9.00 -12.61 -9.81
CA VAL D 22 9.79 -12.65 -11.03
C VAL D 22 9.08 -11.91 -12.17
N GLN D 23 9.81 -11.14 -12.96
CA GLN D 23 9.25 -10.48 -14.13
C GLN D 23 9.51 -11.43 -15.30
N ARG D 24 8.48 -12.13 -15.79
CA ARG D 24 8.63 -13.08 -16.90
C ARG D 24 8.85 -12.35 -18.23
N ASP D 25 8.20 -11.19 -18.43
CA ASP D 25 8.33 -10.27 -19.57
C ASP D 25 7.89 -8.84 -19.14
N PRO D 26 7.96 -7.77 -20.00
CA PRO D 26 7.62 -6.41 -19.51
C PRO D 26 6.21 -6.28 -18.92
N ASP D 27 5.26 -7.14 -19.33
CA ASP D 27 3.89 -7.07 -18.80
C ASP D 27 3.47 -8.23 -17.94
N THR D 28 4.33 -9.23 -17.73
CA THR D 28 3.93 -10.41 -16.98
C THR D 28 4.83 -10.63 -15.77
N TYR D 29 4.22 -10.74 -14.59
CA TYR D 29 4.94 -10.96 -13.34
C TYR D 29 4.38 -12.16 -12.63
N SER D 30 5.22 -12.94 -11.98
CA SER D 30 4.80 -14.08 -11.20
C SER D 30 5.21 -13.86 -9.75
N LYS D 31 4.43 -14.37 -8.82
CA LYS D 31 4.72 -14.25 -7.41
C LYS D 31 4.55 -15.62 -6.76
N HIS D 32 5.52 -15.99 -5.94
CA HIS D 32 5.47 -17.25 -5.19
C HIS D 32 5.52 -16.90 -3.70
N LEU D 33 4.52 -17.34 -2.94
CA LEU D 33 4.47 -17.11 -1.51
C LEU D 33 5.22 -18.23 -0.79
N PHE D 34 6.19 -17.89 0.06
CA PHE D 34 6.89 -18.87 0.87
C PHE D 34 5.98 -19.15 2.08
N VAL D 35 5.50 -18.09 2.76
CA VAL D 35 4.64 -18.15 3.94
C VAL D 35 3.62 -17.03 3.85
N HIS D 36 2.43 -17.21 4.47
N HIS D 36 2.48 -17.19 4.53
CA HIS D 36 1.37 -16.19 4.43
CA HIS D 36 1.42 -16.20 4.50
C HIS D 36 0.32 -16.33 5.54
C HIS D 36 0.50 -16.36 5.71
N ILE D 37 0.04 -15.23 6.22
CA ILE D 37 -0.94 -15.16 7.29
C ILE D 37 -1.87 -14.09 6.73
N GLY D 38 -3.05 -14.52 6.29
CA GLY D 38 -3.99 -13.59 5.67
C GLY D 38 -5.03 -13.07 6.63
N GLN D 39 -5.85 -12.11 6.17
CA GLN D 39 -6.93 -11.58 7.01
C GLN D 39 -8.12 -12.51 6.89
N ASP D 46 -13.62 -14.66 15.72
CA ASP D 46 -12.25 -15.12 15.91
C ASP D 46 -12.23 -16.42 16.74
N PRO D 47 -11.70 -17.51 16.17
CA PRO D 47 -11.66 -18.76 16.92
C PRO D 47 -10.61 -18.74 18.03
N PRO D 48 -10.82 -19.50 19.12
CA PRO D 48 -9.85 -19.46 20.24
C PRO D 48 -8.49 -20.07 19.89
N LEU D 49 -7.46 -19.64 20.60
CA LEU D 49 -6.10 -20.12 20.37
C LEU D 49 -5.67 -21.12 21.42
N GLU D 50 -4.94 -22.16 21.01
CA GLU D 50 -4.33 -23.09 21.95
C GLU D 50 -3.13 -22.38 22.59
N ALA D 51 -2.83 -22.70 23.86
CA ALA D 51 -1.72 -22.11 24.57
C ALA D 51 -0.51 -23.01 24.57
N VAL D 52 0.68 -22.41 24.57
CA VAL D 52 1.96 -23.10 24.63
C VAL D 52 2.76 -22.41 25.72
N ASP D 53 3.29 -23.19 26.67
CA ASP D 53 4.14 -22.63 27.72
C ASP D 53 5.44 -22.15 27.05
N VAL D 54 5.80 -20.89 27.26
CA VAL D 54 6.97 -20.24 26.68
C VAL D 54 8.29 -20.96 27.05
N ARG D 55 8.30 -21.70 28.18
CA ARG D 55 9.48 -22.46 28.58
C ARG D 55 9.74 -23.65 27.62
N GLN D 56 8.71 -24.10 26.87
CA GLN D 56 8.87 -25.16 25.87
C GLN D 56 9.67 -24.72 24.65
N ILE D 57 9.85 -23.40 24.45
CA ILE D 57 10.59 -22.92 23.30
C ILE D 57 11.85 -22.11 23.69
N TYR D 58 12.06 -21.79 24.99
CA TYR D 58 13.24 -21.02 25.47
C TYR D 58 14.57 -21.63 25.04
N ASP D 59 14.71 -22.96 25.04
CA ASP D 59 15.96 -23.61 24.62
C ASP D 59 16.38 -23.28 23.19
N LYS D 60 15.42 -22.93 22.31
CA LYS D 60 15.70 -22.53 20.91
C LYS D 60 15.80 -21.00 20.73
N PHE D 61 15.36 -20.24 21.77
CA PHE D 61 15.36 -18.80 21.97
C PHE D 61 16.00 -18.55 23.39
N PRO D 62 17.29 -18.87 23.60
CA PRO D 62 17.88 -18.66 24.94
C PRO D 62 18.39 -17.22 25.18
N GLU D 63 18.87 -16.92 26.41
CA GLU D 63 19.39 -15.63 26.91
C GLU D 63 19.84 -14.64 25.82
N GLY D 66 17.58 -8.53 25.28
CA GLY D 66 16.47 -8.46 24.34
C GLY D 66 15.88 -9.80 23.91
N GLY D 67 16.19 -10.86 24.67
CA GLY D 67 15.71 -12.20 24.37
C GLY D 67 14.25 -12.43 24.72
N LEU D 68 13.71 -13.57 24.28
CA LEU D 68 12.32 -13.95 24.50
C LEU D 68 11.98 -13.99 25.97
N LYS D 69 12.84 -14.60 26.78
CA LYS D 69 12.60 -14.69 28.21
C LYS D 69 12.58 -13.31 28.87
N GLU D 70 13.53 -12.45 28.51
CA GLU D 70 13.62 -11.09 29.06
C GLU D 70 12.40 -10.25 28.67
N LEU D 71 11.99 -10.35 27.41
CA LEU D 71 10.82 -9.64 26.93
C LEU D 71 9.54 -10.17 27.60
N TYR D 72 9.42 -11.49 27.73
CA TYR D 72 8.24 -12.11 28.33
C TYR D 72 8.08 -11.66 29.79
N GLU D 73 9.19 -11.65 30.54
CA GLU D 73 9.21 -11.20 31.93
C GLU D 73 8.83 -9.72 32.09
N LYS D 74 9.19 -8.89 31.13
CA LYS D 74 8.83 -7.47 31.12
C LYS D 74 7.32 -7.29 30.81
N GLY D 75 6.76 -8.17 29.98
CA GLY D 75 5.34 -8.15 29.65
C GLY D 75 4.92 -7.14 28.60
N PRO D 76 3.60 -7.01 28.31
CA PRO D 76 2.47 -7.74 28.91
C PRO D 76 2.32 -9.15 28.32
N PRO D 77 1.87 -10.13 29.13
CA PRO D 77 1.77 -11.52 28.62
C PRO D 77 0.85 -11.68 27.40
N ASN D 78 -0.17 -10.82 27.28
CA ASN D 78 -1.09 -10.91 26.14
C ASN D 78 -0.47 -10.55 24.77
N ALA D 79 0.76 -10.05 24.76
CA ALA D 79 1.40 -9.66 23.51
C ALA D 79 2.18 -10.76 22.81
N PHE D 80 2.32 -11.95 23.45
CA PHE D 80 3.22 -13.01 22.98
C PHE D 80 2.56 -14.16 22.26
N PHE D 81 3.07 -14.46 21.06
CA PHE D 81 2.52 -15.50 20.19
C PHE D 81 3.62 -16.34 19.56
N LEU D 82 3.27 -17.58 19.20
CA LEU D 82 4.16 -18.49 18.49
C LEU D 82 3.45 -18.83 17.20
N VAL D 83 4.17 -18.74 16.08
CA VAL D 83 3.66 -19.16 14.79
C VAL D 83 4.55 -20.27 14.23
N LYS D 84 3.94 -21.39 13.89
CA LYS D 84 4.64 -22.48 13.21
C LYS D 84 4.33 -22.27 11.74
N PHE D 85 5.35 -22.26 10.87
CA PHE D 85 5.15 -22.13 9.45
C PHE D 85 5.61 -23.41 8.73
N TRP D 86 4.89 -23.81 7.69
CA TRP D 86 5.32 -24.87 6.80
C TRP D 86 5.49 -24.10 5.49
N ALA D 87 6.72 -23.69 5.21
CA ALA D 87 7.05 -22.84 4.07
C ALA D 87 7.05 -23.59 2.76
N ASP D 88 6.50 -22.96 1.71
CA ASP D 88 6.49 -23.56 0.40
C ASP D 88 7.79 -23.15 -0.30
N LEU D 89 8.70 -24.10 -0.46
CA LEU D 89 9.97 -23.84 -1.15
C LEU D 89 10.03 -24.52 -2.52
N ASN D 90 8.87 -24.90 -3.10
CA ASN D 90 8.84 -25.55 -4.39
C ASN D 90 9.12 -24.51 -5.48
N SER D 91 9.85 -24.91 -6.52
CA SER D 91 10.17 -24.01 -7.62
C SER D 91 9.00 -23.99 -8.60
N THR D 92 7.95 -23.23 -8.25
CA THR D 92 6.73 -23.11 -9.05
C THR D 92 6.82 -22.01 -10.14
N ILE D 93 7.80 -21.11 -10.04
CA ILE D 93 8.04 -20.05 -11.01
C ILE D 93 9.51 -20.08 -11.45
N GLN D 94 9.78 -19.87 -12.75
CA GLN D 94 11.14 -19.87 -13.24
C GLN D 94 11.80 -18.55 -12.86
N GLU D 95 12.77 -18.58 -11.93
CA GLU D 95 13.44 -17.34 -11.51
C GLU D 95 14.68 -17.03 -12.35
N GLY D 98 17.29 -11.52 -11.48
CA GLY D 98 16.46 -10.34 -11.28
C GLY D 98 15.31 -10.51 -10.29
N ALA D 99 15.16 -11.72 -9.71
CA ALA D 99 14.04 -11.98 -8.79
C ALA D 99 14.04 -11.10 -7.52
N PHE D 100 12.86 -10.64 -7.09
CA PHE D 100 12.73 -9.83 -5.88
C PHE D 100 12.27 -10.71 -4.71
N TYR D 101 12.96 -10.68 -3.58
CA TYR D 101 12.55 -11.44 -2.38
C TYR D 101 12.11 -10.39 -1.38
N GLY D 102 10.88 -10.49 -0.90
CA GLY D 102 10.37 -9.50 0.02
C GLY D 102 9.38 -10.00 1.04
N VAL D 103 9.03 -9.09 1.96
CA VAL D 103 8.10 -9.35 3.04
C VAL D 103 7.11 -8.19 3.10
N SER D 104 5.83 -8.49 3.17
CA SER D 104 4.82 -7.46 3.31
C SER D 104 4.02 -7.75 4.57
N SER D 105 3.70 -6.70 5.32
CA SER D 105 2.94 -6.89 6.54
C SER D 105 2.08 -5.69 6.86
N GLN D 106 1.01 -5.94 7.63
CA GLN D 106 0.06 -4.91 8.00
C GLN D 106 -0.38 -5.11 9.41
N TYR D 107 -0.53 -4.02 10.12
CA TYR D 107 -0.98 -4.03 11.51
C TYR D 107 -2.05 -2.97 11.70
N SER D 108 -2.79 -3.07 12.79
CA SER D 108 -3.77 -2.06 13.14
C SER D 108 -3.86 -1.89 14.63
N SER D 109 -4.23 -0.70 15.06
CA SER D 109 -4.43 -0.39 16.47
C SER D 109 -5.62 0.57 16.60
N ALA D 110 -6.17 0.68 17.82
CA ALA D 110 -7.22 1.65 18.10
C ALA D 110 -6.64 3.06 18.34
N ASP D 111 -5.37 3.15 18.75
CA ASP D 111 -4.65 4.39 19.10
C ASP D 111 -3.63 4.78 18.05
N SER D 112 -3.36 6.08 17.92
CA SER D 112 -2.36 6.57 17.01
C SER D 112 -1.00 6.51 17.71
N MET D 113 -0.09 5.73 17.17
CA MET D 113 1.27 5.69 17.69
C MET D 113 2.29 5.39 16.59
N THR D 114 3.58 5.65 16.82
CA THR D 114 4.62 5.30 15.85
C THR D 114 5.20 3.99 16.32
N ILE D 115 5.27 2.97 15.47
CA ILE D 115 5.75 1.67 15.89
C ILE D 115 7.15 1.39 15.33
N SER D 116 7.87 0.53 16.01
CA SER D 116 9.17 0.08 15.58
C SER D 116 9.12 -1.45 15.53
N VAL D 117 9.40 -2.00 14.35
CA VAL D 117 9.33 -3.44 14.10
C VAL D 117 10.75 -3.97 13.99
N SER D 118 11.14 -4.80 14.94
CA SER D 118 12.44 -5.42 14.93
C SER D 118 12.25 -6.89 14.54
N THR D 119 13.00 -7.35 13.56
CA THR D 119 12.94 -8.75 13.12
C THR D 119 14.34 -9.32 13.36
N LYS D 120 14.44 -10.29 14.27
CA LYS D 120 15.73 -10.90 14.63
C LYS D 120 15.81 -12.29 14.08
N VAL D 121 16.82 -12.54 13.28
CA VAL D 121 17.03 -13.85 12.67
C VAL D 121 18.07 -14.53 13.54
N CYS D 122 17.77 -15.73 14.03
CA CYS D 122 18.68 -16.46 14.89
C CYS D 122 19.02 -17.83 14.31
N SER D 123 20.27 -18.24 14.52
CA SER D 123 20.80 -19.54 14.11
C SER D 123 21.45 -20.14 15.36
N PHE D 124 20.96 -21.31 15.83
CA PHE D 124 21.42 -21.97 17.05
C PHE D 124 21.27 -21.05 18.28
N GLY D 125 20.19 -20.29 18.33
CA GLY D 125 19.92 -19.38 19.44
C GLY D 125 20.70 -18.06 19.44
N LYS D 126 21.55 -17.85 18.43
CA LYS D 126 22.35 -16.62 18.35
C LYS D 126 21.83 -15.72 17.24
N GLN D 127 21.66 -14.45 17.57
CA GLN D 127 21.16 -13.46 16.63
C GLN D 127 22.20 -13.22 15.56
N VAL D 128 21.87 -13.48 14.30
CA VAL D 128 22.82 -13.28 13.22
C VAL D 128 22.47 -12.02 12.39
N VAL D 129 21.18 -11.68 12.31
CA VAL D 129 20.74 -10.48 11.58
C VAL D 129 19.61 -9.85 12.37
N GLU D 130 19.56 -8.53 12.37
CA GLU D 130 18.43 -7.81 12.88
C GLU D 130 18.06 -6.74 11.88
N VAL D 132 15.35 -3.49 11.42
CA VAL D 132 14.49 -2.59 12.16
C VAL D 132 13.80 -1.63 11.19
N GLU D 133 12.45 -1.55 11.24
N GLU D 133 12.49 -1.55 11.29
CA GLU D 133 11.67 -0.65 10.39
CA GLU D 133 11.70 -0.63 10.49
C GLU D 133 10.67 0.13 11.23
C GLU D 133 10.89 0.23 11.45
N THR D 134 10.62 1.46 11.06
CA THR D 134 9.75 2.34 11.83
C THR D 134 8.55 2.64 10.94
N GLU D 135 7.32 2.62 11.51
CA GLU D 135 6.14 2.93 10.73
C GLU D 135 5.17 3.85 11.48
N TYR D 136 4.62 4.80 10.76
CA TYR D 136 3.73 5.83 11.24
C TYR D 136 2.31 5.42 10.92
N ALA D 137 1.42 5.64 11.90
CA ALA D 137 0.01 5.32 11.82
C ALA D 137 -0.70 6.12 10.78
N ARG D 138 -1.64 5.46 10.15
CA ARG D 138 -2.46 6.12 9.16
C ARG D 138 -3.90 5.87 9.61
N LEU D 139 -4.70 6.94 9.75
CA LEU D 139 -6.10 6.79 10.09
C LEU D 139 -6.82 6.18 8.88
N GLU D 140 -7.48 5.04 9.09
CA GLU D 140 -8.23 4.37 8.03
C GLU D 140 -9.40 3.63 8.64
N ASN D 141 -10.63 3.97 8.21
CA ASN D 141 -11.85 3.30 8.69
C ASN D 141 -12.00 3.33 10.21
N GLY D 142 -11.67 4.47 10.82
CA GLY D 142 -11.81 4.64 12.26
C GLY D 142 -10.74 4.00 13.12
N ARG D 143 -9.78 3.31 12.49
CA ARG D 143 -8.67 2.66 13.18
C ARG D 143 -7.34 3.18 12.60
N PHE D 144 -6.20 2.76 13.18
CA PHE D 144 -4.90 3.21 12.71
C PHE D 144 -4.20 2.02 12.09
N VAL D 145 -3.77 2.14 10.83
CA VAL D 145 -3.13 1.04 10.12
C VAL D 145 -1.67 1.35 9.83
N TYR D 146 -0.86 0.31 9.85
CA TYR D 146 0.57 0.40 9.62
C TYR D 146 0.87 -0.61 8.53
N ARG D 147 1.35 -0.16 7.38
CA ARG D 147 1.66 -1.05 6.27
C ARG D 147 3.14 -1.02 5.94
N ILE D 148 3.79 -2.17 6.00
CA ILE D 148 5.19 -2.28 5.61
C ILE D 148 5.14 -3.13 4.35
N HIS D 149 5.16 -2.47 3.21
CA HIS D 149 4.99 -3.08 1.92
C HIS D 149 6.30 -3.42 1.19
N ARG D 150 6.45 -4.68 0.75
CA ARG D 150 7.59 -5.12 -0.06
C ARG D 150 8.94 -4.77 0.56
N SER D 151 9.12 -5.05 1.83
CA SER D 151 10.37 -4.85 2.51
C SER D 151 11.37 -5.90 1.96
N PRO D 152 12.49 -5.48 1.32
CA PRO D 152 13.39 -6.47 0.73
C PRO D 152 14.02 -7.39 1.76
N MET D 153 14.12 -8.70 1.45
CA MET D 153 14.81 -9.63 2.33
C MET D 153 16.30 -9.33 2.25
N CYS D 154 17.02 -9.51 3.36
CA CYS D 154 18.47 -9.34 3.34
C CYS D 154 19.08 -10.56 2.61
N GLU D 155 20.28 -10.39 2.09
CA GLU D 155 21.01 -11.43 1.38
C GLU D 155 21.17 -12.68 2.21
N TYR D 156 21.34 -12.57 3.55
CA TYR D 156 21.48 -13.74 4.42
C TYR D 156 20.26 -14.67 4.26
N MET D 157 19.04 -14.10 4.24
CA MET D 157 17.82 -14.86 4.08
C MET D 157 17.64 -15.44 2.68
N ILE D 158 17.99 -14.69 1.63
CA ILE D 158 17.89 -15.17 0.25
C ILE D 158 18.86 -16.34 0.05
N ASN D 159 20.10 -16.20 0.56
CA ASN D 159 21.09 -17.27 0.46
C ASN D 159 20.66 -18.48 1.28
N PHE D 160 20.04 -18.27 2.43
CA PHE D 160 19.55 -19.37 3.27
C PHE D 160 18.46 -20.15 2.53
N ILE D 161 17.51 -19.45 1.89
CA ILE D 161 16.45 -20.09 1.09
C ILE D 161 17.06 -20.91 -0.06
N HIS D 162 18.06 -20.34 -0.77
CA HIS D 162 18.74 -21.03 -1.87
C HIS D 162 19.46 -22.29 -1.36
N LYS D 163 20.14 -22.21 -0.21
CA LYS D 163 20.82 -23.36 0.36
C LYS D 163 19.83 -24.47 0.70
N LEU D 164 18.66 -24.12 1.28
CA LEU D 164 17.65 -25.11 1.63
C LEU D 164 17.13 -25.81 0.38
N LYS D 165 16.85 -25.04 -0.68
CA LYS D 165 16.34 -25.54 -1.95
C LYS D 165 17.31 -26.46 -2.69
N HIS D 166 18.62 -26.33 -2.43
CA HIS D 166 19.61 -27.20 -3.04
C HIS D 166 19.75 -28.55 -2.33
N LEU D 167 19.10 -28.73 -1.16
CA LEU D 167 19.14 -30.02 -0.46
C LEU D 167 18.25 -31.00 -1.21
N PRO D 168 18.69 -32.26 -1.41
CA PRO D 168 17.87 -33.20 -2.20
C PRO D 168 16.61 -33.72 -1.52
N GLU D 169 16.54 -33.67 -0.17
CA GLU D 169 15.38 -34.18 0.55
C GLU D 169 14.78 -33.16 1.51
N LYS D 170 13.45 -33.10 1.58
CA LYS D 170 12.75 -32.16 2.45
C LYS D 170 13.00 -32.42 3.94
N TYR D 171 13.32 -33.67 4.33
CA TYR D 171 13.64 -33.94 5.74
C TYR D 171 14.97 -33.29 6.14
N MET D 172 15.92 -33.13 5.18
CA MET D 172 17.20 -32.46 5.46
C MET D 172 16.95 -30.96 5.71
N MET D 173 15.99 -30.36 4.98
CA MET D 173 15.62 -28.96 5.13
C MET D 173 15.05 -28.77 6.55
N ASN D 174 14.16 -29.68 6.97
CA ASN D 174 13.55 -29.64 8.31
C ASN D 174 14.57 -29.75 9.42
N SER D 175 15.62 -30.55 9.21
CA SER D 175 16.72 -30.71 10.18
C SER D 175 17.52 -29.41 10.33
N VAL D 176 17.86 -28.73 9.23
CA VAL D 176 18.55 -27.44 9.26
C VAL D 176 17.66 -26.39 9.96
N LEU D 177 16.36 -26.40 9.63
CA LEU D 177 15.36 -25.47 10.17
C LEU D 177 15.07 -25.65 11.67
N GLU D 178 15.44 -26.81 12.27
CA GLU D 178 15.24 -27.04 13.71
C GLU D 178 15.95 -25.99 14.54
N ASN D 179 17.10 -25.50 14.08
CA ASN D 179 17.84 -24.50 14.85
C ASN D 179 17.79 -23.11 14.25
N PHE D 180 16.77 -22.82 13.44
CA PHE D 180 16.59 -21.52 12.83
C PHE D 180 15.30 -20.92 13.41
N THR D 181 15.35 -19.68 13.88
CA THR D 181 14.16 -19.03 14.42
C THR D 181 14.14 -17.55 14.02
N ILE D 182 12.94 -16.95 14.01
CA ILE D 182 12.82 -15.53 13.80
C ILE D 182 12.00 -14.96 14.96
N LEU D 183 12.46 -13.86 15.57
CA LEU D 183 11.70 -13.21 16.63
C LEU D 183 11.30 -11.81 16.13
N GLN D 184 9.99 -11.56 16.02
CA GLN D 184 9.54 -10.23 15.63
C GLN D 184 9.03 -9.51 16.87
N VAL D 185 9.61 -8.33 17.19
CA VAL D 185 9.22 -7.54 18.34
C VAL D 185 8.74 -6.18 17.85
N VAL D 186 7.46 -5.85 18.11
CA VAL D 186 6.91 -4.57 17.74
C VAL D 186 6.77 -3.76 19.01
N THR D 187 7.37 -2.57 19.03
CA THR D 187 7.28 -1.69 20.17
C THR D 187 6.72 -0.33 19.78
N SER D 188 6.23 0.43 20.77
CA SER D 188 5.82 1.82 20.55
C SER D 188 7.17 2.57 20.53
N ARG D 189 7.52 3.24 19.43
CA ARG D 189 8.82 3.86 19.25
C ARG D 189 9.31 4.76 20.41
N ASP D 190 8.48 5.67 20.90
CA ASP D 190 8.93 6.61 21.92
C ASP D 190 9.02 6.02 23.35
N SER D 191 8.02 5.24 23.77
CA SER D 191 8.03 4.65 25.11
C SER D 191 8.78 3.33 25.20
N GLN D 192 9.01 2.66 24.07
CA GLN D 192 9.65 1.35 23.99
C GLN D 192 8.77 0.25 24.62
N GLU D 193 7.45 0.49 24.80
CA GLU D 193 6.51 -0.49 25.34
C GLU D 193 6.35 -1.61 24.31
N THR D 194 6.37 -2.87 24.76
CA THR D 194 6.16 -4.00 23.88
C THR D 194 4.70 -4.08 23.48
N LEU D 195 4.41 -4.04 22.18
CA LEU D 195 3.06 -4.12 21.67
C LEU D 195 2.72 -5.51 21.19
N LEU D 196 3.67 -6.21 20.58
CA LEU D 196 3.42 -7.52 20.00
C LEU D 196 4.75 -8.25 19.80
N VAL D 197 4.81 -9.51 20.19
CA VAL D 197 5.99 -10.33 20.01
C VAL D 197 5.57 -11.63 19.36
N ILE D 198 6.17 -11.96 18.22
CA ILE D 198 5.87 -13.20 17.52
C ILE D 198 7.12 -14.01 17.33
N ALA D 199 7.13 -15.25 17.82
CA ALA D 199 8.22 -16.18 17.63
C ALA D 199 7.81 -17.04 16.45
N PHE D 200 8.65 -17.09 15.41
CA PHE D 200 8.38 -17.86 14.21
C PHE D 200 9.32 -19.06 14.14
N VAL D 201 8.77 -20.22 13.87
CA VAL D 201 9.52 -21.47 13.69
C VAL D 201 9.07 -22.09 12.37
N PHE D 202 9.96 -22.87 11.77
CA PHE D 202 9.77 -23.34 10.40
C PHE D 202 10.08 -24.80 10.09
N GLU D 203 9.33 -25.29 9.12
CA GLU D 203 9.48 -26.54 8.42
C GLU D 203 9.17 -26.23 6.95
N VAL D 204 9.54 -27.14 6.07
CA VAL D 204 9.18 -27.04 4.66
C VAL D 204 7.87 -27.81 4.47
N SER D 205 6.97 -27.27 3.68
CA SER D 205 5.70 -27.90 3.38
C SER D 205 5.91 -29.05 2.38
N THR D 206 5.20 -30.15 2.60
CA THR D 206 5.19 -31.30 1.71
C THR D 206 3.78 -31.54 1.11
N SER D 207 2.80 -30.68 1.43
CA SER D 207 1.41 -30.77 1.05
C SER D 207 1.14 -30.18 -0.34
N GLU D 208 0.07 -30.66 -0.98
CA GLU D 208 -0.37 -30.15 -2.28
C GLU D 208 -1.04 -28.76 -2.13
N HIS D 209 -1.60 -28.47 -0.92
CA HIS D 209 -2.24 -27.20 -0.58
C HIS D 209 -1.26 -26.03 -0.38
N GLY D 210 0.05 -26.32 -0.40
CA GLY D 210 1.08 -25.30 -0.26
C GLY D 210 1.47 -24.94 1.16
N ALA D 211 1.80 -23.67 1.35
CA ALA D 211 2.23 -23.11 2.61
C ALA D 211 1.12 -23.16 3.65
N GLN D 212 1.49 -23.50 4.88
CA GLN D 212 0.54 -23.59 5.98
C GLN D 212 1.11 -22.87 7.22
N HIS D 213 0.27 -22.63 8.22
CA HIS D 213 0.69 -22.02 9.47
C HIS D 213 -0.25 -22.44 10.60
N HIS D 214 0.24 -22.35 11.85
CA HIS D 214 -0.56 -22.61 13.03
C HIS D 214 -0.13 -21.59 14.10
N VAL D 215 -1.11 -20.92 14.71
CA VAL D 215 -0.86 -19.90 15.72
C VAL D 215 -1.15 -20.42 17.12
N TYR D 216 -0.30 -20.08 18.09
CA TYR D 216 -0.46 -20.44 19.49
C TYR D 216 -0.23 -19.18 20.33
N LYS D 217 -0.90 -19.12 21.48
CA LYS D 217 -0.70 -18.05 22.43
C LYS D 217 0.43 -18.50 23.38
N LEU D 218 1.41 -17.65 23.66
CA LEU D 218 2.48 -18.04 24.60
C LEU D 218 2.09 -17.67 26.01
N VAL D 219 2.13 -18.64 26.91
CA VAL D 219 1.74 -18.48 28.31
C VAL D 219 2.89 -18.94 29.24
N LYS D 220 2.77 -18.75 30.55
CA LYS D 220 3.78 -19.21 31.50
C LYS D 220 3.02 -19.69 32.71
N ASP D 221 2.84 -21.03 32.79
CA ASP D 221 2.10 -21.69 33.87
C ASP D 221 2.83 -21.56 35.21
#